data_5T2I
#
_entry.id   5T2I
#
_cell.length_a   63.887
_cell.length_b   142.812
_cell.length_c   220.530
_cell.angle_alpha   90.00
_cell.angle_beta   90.00
_cell.angle_gamma   90.00
#
_symmetry.space_group_name_H-M   'C 2 2 21'
#
loop_
_entity.id
_entity.type
_entity.pdbx_description
1 polymer 'Phosphatidylinositol 4,5-bisphosphate 3-kinase catalytic subunit delta isoform'
2 non-polymer 1-[3-azanyl-6-[1-methyl-5-(1-phenylcyclopropyl)-1,2,4-triazol-3-yl]pyrazin-2-yl]pyrazole-4-carboxamide
3 water water
#
_entity_poly.entity_id   1
_entity_poly.type   'polypeptide(L)'
_entity_poly.pdbx_seq_one_letter_code
;GDRVKKLINSQISLLIGKGLHEFDSLRDPEVNDFRTKMRQFCEEAAAHRQQLGWVEWLQYSFPLQLEPSARGWRAGLLRV
SNRALLVNVKFEGSEESFTFQVSTKDMPLALMACALRKKATVFRQPLVEQPEEYALQVNGRHEYLYGNYPLCHFQYICSC
LHSGLTPHLTMVHSSSILAMRDEQSNPAPQVQKPRAKPPPIPAKKPSSVSLWSLEQPFSIELIEGRKVNADERMKLVVQA
GLFHGNEMLCKTVSSSEVNVCSEPVWKQRLEFDISVCDLPRMARLCFALYAVVEKAKKARSTKKKSKKADCPIAWANLML
FDYKDQLKTGERCLYMWPSVPDEKGELLNPAGTVRGNPNTESAAALVIYLPEVAPHPVYFPALEKILELGRHGERGRITE
EEQLQLREILERRGSGELYEHEKDLVWKMRHEVQEHFPEALARLLLVTKWNKHEDVAQMLYLLCSWPELPVLSALELLDF
SFPDCYVGSFAIKSLRKLTDDELFQYLLQLVQVLKYESYLDCELTKFLLGRALANRKIGHFLFWHLRSEMHVPSVALRFG
LIMEAYCRGSTHHMKVLMKQGEALSKLKALNDFVKVSSQKTTKPQTKEMMHMCMRQETYMEALSHLQSPLDPSTLLEEVC
VEQCTFMDSKMKPLWIMYSSEEAGSAGNVGIIFKNGDDLRQDMLTLQMIQLMDVLWKQEGLDLRMTPYGCLPTGDRTGLI
EVVLHSDTIANIQLNKSNMAATAAFNKDALLNWLKSKNPGEALDRAIEEFTLSCAGYCVATYVLGIGDRHSDNIMIRESG
QLFHIDFGHFLGNFKTKFGINRERVPFILTYDFVHVIQQGKTNNSEKFERFRGYCERAYTILRRHGLLFLHLFALMRAAG
LPELSCSKDIQYLKDSLALGKTEEEALKHFRVKFNEALRESWKTKVNWLAHNVSKDNRQ
;
_entity_poly.pdbx_strand_id   A
#
loop_
_chem_comp.id
_chem_comp.type
_chem_comp.name
_chem_comp.formula
74J non-polymer 1-[3-azanyl-6-[1-methyl-5-(1-phenylcyclopropyl)-1,2,4-triazol-3-yl]pyrazin-2-yl]pyrazole-4-carboxamide 'C20 H19 N9 O'
#
# COMPACT_ATOMS: atom_id res chain seq x y z
N VAL A 4 19.38 -8.39 -28.34
CA VAL A 4 19.21 -9.37 -27.27
C VAL A 4 19.14 -8.64 -25.92
N LYS A 5 20.29 -8.07 -25.47
CA LYS A 5 20.43 -7.27 -24.26
C LYS A 5 19.91 -5.86 -24.58
N LYS A 6 20.04 -5.44 -25.86
CA LYS A 6 19.57 -4.15 -26.39
C LYS A 6 18.04 -4.06 -26.33
N LEU A 7 17.33 -5.14 -26.73
CA LEU A 7 15.86 -5.16 -26.68
C LEU A 7 15.35 -5.10 -25.21
N ILE A 8 16.01 -5.81 -24.27
CA ILE A 8 15.67 -5.81 -22.83
C ILE A 8 15.71 -4.37 -22.28
N ASN A 9 16.81 -3.66 -22.54
CA ASN A 9 17.01 -2.27 -22.12
C ASN A 9 15.95 -1.37 -22.65
N SER A 10 15.55 -1.56 -23.91
CA SER A 10 14.51 -0.73 -24.52
C SER A 10 13.11 -1.16 -24.02
N GLN A 11 12.98 -2.40 -23.53
CA GLN A 11 11.74 -2.90 -22.96
C GLN A 11 11.55 -2.29 -21.56
N ILE A 12 12.64 -2.26 -20.73
CA ILE A 12 12.66 -1.66 -19.36
C ILE A 12 12.33 -0.17 -19.44
N SER A 13 12.95 0.58 -20.37
CA SER A 13 12.70 2.01 -20.55
C SER A 13 11.23 2.32 -20.78
N LEU A 14 10.59 1.58 -21.73
CA LEU A 14 9.17 1.74 -22.04
C LEU A 14 8.30 1.35 -20.84
N LEU A 15 8.64 0.23 -20.18
CA LEU A 15 7.88 -0.26 -19.04
C LEU A 15 7.97 0.64 -17.81
N ILE A 16 9.18 1.12 -17.46
CA ILE A 16 9.36 1.93 -16.25
C ILE A 16 8.94 3.37 -16.49
N GLY A 17 8.75 3.74 -17.75
CA GLY A 17 8.32 5.07 -18.14
C GLY A 17 9.42 6.12 -18.21
N LYS A 18 10.69 5.70 -18.11
CA LYS A 18 11.86 6.57 -18.16
C LYS A 18 12.95 5.86 -18.97
N GLY A 19 13.63 6.60 -19.86
CA GLY A 19 14.72 6.05 -20.65
C GLY A 19 15.94 5.71 -19.81
N LEU A 20 16.55 4.54 -20.02
CA LEU A 20 17.75 4.10 -19.28
C LEU A 20 18.95 5.02 -19.55
N HIS A 21 18.97 5.71 -20.72
CA HIS A 21 20.00 6.69 -21.11
C HIS A 21 20.05 7.86 -20.13
N GLU A 22 18.87 8.32 -19.63
CA GLU A 22 18.69 9.39 -18.64
C GLU A 22 19.47 9.13 -17.34
N PHE A 23 19.60 7.85 -16.95
CA PHE A 23 20.39 7.47 -15.79
C PHE A 23 21.88 7.72 -16.06
N ASP A 24 22.36 7.37 -17.27
CA ASP A 24 23.76 7.57 -17.64
C ASP A 24 24.12 9.04 -17.81
N SER A 25 23.23 9.85 -18.44
CA SER A 25 23.39 11.29 -18.67
C SER A 25 23.64 12.09 -17.39
N LEU A 26 23.19 11.57 -16.23
CA LEU A 26 23.37 12.21 -14.91
C LEU A 26 24.83 12.26 -14.49
N ARG A 27 25.66 11.26 -14.92
CA ARG A 27 27.09 11.10 -14.59
C ARG A 27 27.24 11.16 -13.05
N ASP A 28 26.38 10.39 -12.37
CA ASP A 28 26.28 10.32 -10.92
C ASP A 28 26.84 8.97 -10.47
N PRO A 29 27.98 8.95 -9.74
CA PRO A 29 28.53 7.65 -9.30
C PRO A 29 27.64 6.95 -8.27
N GLU A 30 26.74 7.70 -7.58
CA GLU A 30 25.80 7.09 -6.60
C GLU A 30 24.78 6.22 -7.40
N VAL A 31 24.25 6.78 -8.50
CA VAL A 31 23.33 6.15 -9.45
C VAL A 31 24.00 4.91 -10.08
N ASN A 32 25.21 5.08 -10.66
CA ASN A 32 25.98 4.00 -11.32
C ASN A 32 26.32 2.85 -10.37
N ASP A 33 26.63 3.16 -9.11
CA ASP A 33 26.94 2.15 -8.10
C ASP A 33 25.68 1.38 -7.67
N PHE A 34 24.51 2.06 -7.59
CA PHE A 34 23.22 1.43 -7.27
C PHE A 34 22.93 0.41 -8.36
N ARG A 35 22.96 0.87 -9.61
CA ARG A 35 22.68 0.07 -10.81
C ARG A 35 23.54 -1.17 -10.93
N THR A 36 24.84 -1.09 -10.63
CA THR A 36 25.73 -2.25 -10.77
C THR A 36 25.53 -3.29 -9.67
N LYS A 37 25.53 -2.83 -8.40
CA LYS A 37 25.37 -3.67 -7.20
C LYS A 37 24.01 -4.35 -7.20
N MET A 38 22.93 -3.57 -7.42
CA MET A 38 21.56 -4.09 -7.46
C MET A 38 21.34 -5.07 -8.61
N ARG A 39 21.93 -4.82 -9.80
CA ARG A 39 21.83 -5.75 -10.94
C ARG A 39 22.39 -7.10 -10.53
N GLN A 40 23.58 -7.14 -9.91
CA GLN A 40 24.24 -8.38 -9.46
C GLN A 40 23.36 -9.07 -8.42
N PHE A 41 22.85 -8.31 -7.43
CA PHE A 41 21.96 -8.77 -6.36
C PHE A 41 20.69 -9.42 -6.92
N CYS A 42 20.05 -8.75 -7.87
CA CYS A 42 18.82 -9.20 -8.51
C CYS A 42 19.05 -10.36 -9.46
N GLU A 43 20.20 -10.39 -10.15
CA GLU A 43 20.56 -11.52 -11.01
C GLU A 43 20.85 -12.77 -10.19
N GLU A 44 21.45 -12.63 -9.00
CA GLU A 44 21.73 -13.72 -8.07
C GLU A 44 20.41 -14.26 -7.51
N ALA A 45 19.39 -13.36 -7.31
CA ALA A 45 18.06 -13.74 -6.81
C ALA A 45 17.32 -14.57 -7.85
N ALA A 46 17.51 -14.24 -9.15
CA ALA A 46 16.96 -14.94 -10.30
C ALA A 46 17.57 -16.33 -10.45
N ALA A 47 18.90 -16.46 -10.20
CA ALA A 47 19.64 -17.72 -10.32
C ALA A 47 19.15 -18.73 -9.29
N HIS A 48 19.02 -18.31 -8.01
CA HIS A 48 18.54 -19.13 -6.88
C HIS A 48 17.15 -19.74 -7.15
N ARG A 49 16.35 -19.01 -7.93
CA ARG A 49 15.00 -19.34 -8.32
C ARG A 49 14.93 -20.50 -9.32
N GLN A 50 15.82 -20.50 -10.32
CA GLN A 50 15.88 -21.55 -11.36
C GLN A 50 16.32 -22.91 -10.82
N GLN A 51 16.83 -22.95 -9.58
CA GLN A 51 17.26 -24.20 -8.95
C GLN A 51 16.34 -24.67 -7.79
N LEU A 52 15.17 -23.99 -7.59
CA LEU A 52 14.16 -24.34 -6.59
C LEU A 52 13.45 -25.62 -7.02
N GLY A 53 12.83 -26.31 -6.06
CA GLY A 53 12.01 -27.47 -6.36
C GLY A 53 10.73 -27.01 -7.03
N TRP A 54 10.00 -27.90 -7.72
CA TRP A 54 8.79 -27.50 -8.44
C TRP A 54 7.67 -26.94 -7.52
N VAL A 55 7.60 -27.37 -6.25
CA VAL A 55 6.62 -26.86 -5.27
C VAL A 55 7.07 -25.48 -4.82
N GLU A 56 8.37 -25.30 -4.58
CA GLU A 56 8.98 -24.03 -4.19
C GLU A 56 8.80 -22.99 -5.31
N TRP A 57 8.83 -23.43 -6.58
CA TRP A 57 8.61 -22.58 -7.75
C TRP A 57 7.13 -22.16 -7.78
N LEU A 58 6.23 -23.08 -7.37
CA LEU A 58 4.81 -22.79 -7.27
C LEU A 58 4.58 -21.71 -6.22
N GLN A 59 5.31 -21.80 -5.10
CA GLN A 59 5.29 -20.83 -3.98
C GLN A 59 5.79 -19.45 -4.42
N TYR A 60 6.62 -19.37 -5.48
CA TYR A 60 7.12 -18.10 -6.00
C TYR A 60 6.13 -17.48 -6.98
N SER A 61 5.82 -18.22 -8.05
CA SER A 61 4.96 -17.79 -9.14
C SER A 61 3.48 -17.74 -8.79
N PHE A 62 2.99 -18.72 -8.01
CA PHE A 62 1.58 -18.82 -7.59
C PHE A 62 1.47 -18.96 -6.06
N PRO A 63 1.84 -17.94 -5.24
CA PRO A 63 1.73 -18.11 -3.79
C PRO A 63 0.30 -18.41 -3.35
N LEU A 64 0.13 -19.24 -2.32
CA LEU A 64 -1.17 -19.66 -1.78
C LEU A 64 -2.04 -18.52 -1.29
N GLN A 65 -3.28 -18.48 -1.80
CA GLN A 65 -4.29 -17.52 -1.38
C GLN A 65 -5.14 -18.23 -0.33
N LEU A 66 -4.70 -18.16 0.92
CA LEU A 66 -5.35 -18.80 2.05
C LEU A 66 -6.25 -17.84 2.84
N GLU A 67 -7.08 -18.39 3.73
CA GLU A 67 -7.99 -17.65 4.59
C GLU A 67 -7.40 -17.57 6.02
N PRO A 68 -7.59 -16.45 6.76
CA PRO A 68 -7.08 -16.41 8.15
C PRO A 68 -7.98 -17.15 9.14
N ASN A 82 -16.23 -32.32 7.78
CA ASN A 82 -17.15 -31.46 8.51
C ASN A 82 -18.43 -31.21 7.69
N ARG A 83 -18.29 -30.73 6.43
CA ARG A 83 -19.39 -30.43 5.51
C ARG A 83 -18.97 -30.75 4.08
N ALA A 84 -19.84 -31.47 3.34
CA ALA A 84 -19.57 -31.90 1.95
C ALA A 84 -19.79 -30.82 0.88
N LEU A 85 -19.16 -31.03 -0.30
CA LEU A 85 -19.23 -30.14 -1.47
C LEU A 85 -18.85 -30.87 -2.76
N LEU A 86 -19.42 -30.44 -3.89
CA LEU A 86 -19.11 -31.00 -5.20
C LEU A 86 -17.91 -30.25 -5.76
N VAL A 87 -16.96 -30.98 -6.36
CA VAL A 87 -15.74 -30.41 -6.96
C VAL A 87 -15.48 -31.07 -8.31
N ASN A 88 -15.34 -30.27 -9.38
CA ASN A 88 -15.05 -30.76 -10.72
C ASN A 88 -13.54 -30.75 -10.97
N VAL A 89 -12.99 -31.90 -11.41
CA VAL A 89 -11.56 -32.09 -11.66
C VAL A 89 -11.34 -32.67 -13.05
N LYS A 90 -10.30 -32.21 -13.74
CA LYS A 90 -9.90 -32.67 -15.06
C LYS A 90 -8.38 -32.71 -15.15
N PHE A 91 -7.85 -33.34 -16.20
CA PHE A 91 -6.42 -33.42 -16.45
C PHE A 91 -6.07 -32.49 -17.61
N GLU A 92 -4.84 -31.95 -17.59
CA GLU A 92 -4.29 -30.95 -18.51
C GLU A 92 -4.68 -31.08 -20.01
N GLY A 93 -4.27 -32.17 -20.67
CA GLY A 93 -4.48 -32.38 -22.10
C GLY A 93 -5.76 -33.09 -22.50
N SER A 94 -6.88 -32.81 -21.80
CA SER A 94 -8.18 -33.43 -22.07
C SER A 94 -9.35 -32.59 -21.60
N GLU A 95 -10.50 -32.71 -22.30
CA GLU A 95 -11.74 -32.03 -21.97
C GLU A 95 -12.58 -32.83 -20.97
N GLU A 96 -12.27 -34.15 -20.82
CA GLU A 96 -12.96 -35.08 -19.92
C GLU A 96 -12.72 -34.74 -18.45
N SER A 97 -13.82 -34.52 -17.70
CA SER A 97 -13.78 -34.16 -16.28
C SER A 97 -14.64 -35.07 -15.41
N PHE A 98 -14.30 -35.13 -14.12
CA PHE A 98 -14.99 -35.93 -13.10
C PHE A 98 -15.44 -35.01 -11.96
N THR A 99 -16.67 -35.22 -11.45
CA THR A 99 -17.22 -34.45 -10.32
C THR A 99 -17.33 -35.36 -9.09
N PHE A 100 -16.79 -34.91 -7.94
CA PHE A 100 -16.74 -35.66 -6.67
C PHE A 100 -17.43 -34.93 -5.52
N GLN A 101 -17.88 -35.70 -4.51
CA GLN A 101 -18.47 -35.16 -3.29
C GLN A 101 -17.40 -35.24 -2.19
N VAL A 102 -16.53 -34.21 -2.12
CA VAL A 102 -15.46 -34.15 -1.13
C VAL A 102 -15.90 -33.38 0.13
N SER A 103 -15.12 -33.45 1.20
CA SER A 103 -15.38 -32.72 2.44
C SER A 103 -14.46 -31.49 2.51
N THR A 104 -14.94 -30.41 3.14
CA THR A 104 -14.16 -29.18 3.33
C THR A 104 -12.90 -29.44 4.17
N LYS A 105 -12.96 -30.42 5.10
CA LYS A 105 -11.86 -30.82 5.99
C LYS A 105 -10.71 -31.54 5.23
N ASP A 106 -11.01 -32.07 4.02
CA ASP A 106 -10.04 -32.78 3.17
C ASP A 106 -8.94 -31.86 2.68
N MET A 107 -7.75 -32.41 2.53
CA MET A 107 -6.56 -31.71 2.03
C MET A 107 -6.48 -31.89 0.52
N PRO A 108 -5.77 -31.00 -0.25
CA PRO A 108 -5.67 -31.21 -1.72
C PRO A 108 -5.24 -32.62 -2.14
N LEU A 109 -4.29 -33.24 -1.40
CA LEU A 109 -3.73 -34.58 -1.65
C LEU A 109 -4.80 -35.68 -1.80
N ALA A 110 -5.82 -35.68 -0.91
CA ALA A 110 -6.93 -36.64 -0.92
C ALA A 110 -7.77 -36.49 -2.18
N LEU A 111 -7.97 -35.23 -2.60
CA LEU A 111 -8.73 -34.86 -3.80
C LEU A 111 -7.94 -35.32 -5.02
N MET A 112 -6.60 -35.18 -4.98
CA MET A 112 -5.72 -35.59 -6.07
C MET A 112 -5.67 -37.11 -6.20
N ALA A 113 -5.83 -37.82 -5.06
CA ALA A 113 -5.85 -39.28 -4.99
C ALA A 113 -7.12 -39.78 -5.68
N CYS A 114 -8.31 -39.21 -5.35
CA CYS A 114 -9.60 -39.54 -5.96
C CYS A 114 -9.54 -39.39 -7.45
N ALA A 115 -9.04 -38.23 -7.93
CA ALA A 115 -8.91 -37.90 -9.36
C ALA A 115 -8.03 -38.89 -10.11
N LEU A 116 -6.89 -39.31 -9.52
CA LEU A 116 -5.99 -40.29 -10.14
C LEU A 116 -6.63 -41.67 -10.17
N ARG A 117 -7.43 -42.02 -9.14
CA ARG A 117 -8.16 -43.28 -9.03
C ARG A 117 -9.27 -43.34 -10.08
N LYS A 118 -10.05 -42.24 -10.24
CA LYS A 118 -11.12 -42.17 -11.25
C LYS A 118 -10.57 -42.15 -12.66
N LYS A 119 -9.38 -41.57 -12.87
CA LYS A 119 -8.72 -41.56 -14.18
C LYS A 119 -8.22 -42.99 -14.48
N ALA A 120 -7.76 -43.74 -13.44
CA ALA A 120 -7.29 -45.13 -13.54
C ALA A 120 -8.41 -46.09 -13.91
N THR A 121 -9.65 -45.85 -13.45
CA THR A 121 -10.80 -46.72 -13.77
C THR A 121 -11.29 -46.46 -15.21
N VAL A 122 -11.37 -45.18 -15.63
CA VAL A 122 -11.78 -44.75 -16.97
C VAL A 122 -10.71 -45.18 -18.01
N PHE A 123 -9.42 -44.90 -17.73
CA PHE A 123 -8.28 -45.23 -18.61
C PHE A 123 -7.76 -46.68 -18.46
N ARG A 124 -8.41 -47.48 -17.57
CA ARG A 124 -8.09 -48.89 -17.28
C ARG A 124 -6.60 -49.09 -16.94
N GLN A 125 -6.06 -48.22 -16.04
CA GLN A 125 -4.68 -48.17 -15.54
C GLN A 125 -3.64 -48.09 -16.67
N GLN A 130 0.95 -41.45 -8.59
CA GLN A 130 1.29 -40.90 -7.28
C GLN A 130 0.77 -39.45 -7.09
N PRO A 131 -0.08 -39.18 -6.05
CA PRO A 131 -0.66 -37.82 -5.90
C PRO A 131 0.33 -36.70 -5.56
N GLU A 132 1.53 -37.04 -5.02
CA GLU A 132 2.59 -36.08 -4.63
C GLU A 132 3.31 -35.46 -5.84
N GLU A 133 3.01 -35.92 -7.06
CA GLU A 133 3.60 -35.48 -8.33
C GLU A 133 2.68 -34.48 -9.06
N TYR A 134 1.61 -34.05 -8.39
CA TYR A 134 0.63 -33.15 -9.00
C TYR A 134 0.36 -31.94 -8.15
N ALA A 135 -0.33 -30.95 -8.76
CA ALA A 135 -0.81 -29.73 -8.12
C ALA A 135 -2.15 -29.34 -8.75
N LEU A 136 -3.07 -28.82 -7.94
CA LEU A 136 -4.40 -28.45 -8.44
C LEU A 136 -4.46 -27.00 -8.91
N GLN A 137 -4.61 -26.79 -10.23
CA GLN A 137 -4.73 -25.44 -10.77
C GLN A 137 -6.19 -24.98 -10.73
N VAL A 138 -6.44 -23.71 -10.37
CA VAL A 138 -7.77 -23.13 -10.45
C VAL A 138 -7.98 -22.80 -11.93
N ASN A 139 -9.02 -23.39 -12.55
CA ASN A 139 -9.36 -23.21 -13.97
C ASN A 139 -9.44 -21.74 -14.34
N GLY A 140 -8.66 -21.35 -15.35
CA GLY A 140 -8.61 -19.98 -15.88
C GLY A 140 -8.20 -18.88 -14.90
N ARG A 141 -7.38 -19.25 -13.92
CA ARG A 141 -6.79 -18.35 -12.93
C ARG A 141 -5.32 -18.73 -12.75
N HIS A 142 -4.50 -17.78 -12.26
CA HIS A 142 -3.10 -17.99 -11.94
C HIS A 142 -3.03 -18.27 -10.43
N GLU A 143 -3.71 -19.34 -10.01
CA GLU A 143 -3.87 -19.79 -8.63
C GLU A 143 -3.78 -21.31 -8.63
N TYR A 144 -3.14 -21.86 -7.58
CA TYR A 144 -2.98 -23.30 -7.37
C TYR A 144 -3.32 -23.65 -5.92
N LEU A 145 -3.85 -24.87 -5.73
CA LEU A 145 -4.21 -25.47 -4.44
C LEU A 145 -3.23 -26.62 -4.22
N TYR A 146 -2.36 -26.48 -3.21
CA TYR A 146 -1.32 -27.42 -2.78
C TYR A 146 -1.00 -27.13 -1.29
N GLY A 147 -0.15 -27.97 -0.69
CA GLY A 147 0.26 -27.85 0.71
C GLY A 147 -0.67 -28.57 1.67
N ASN A 148 -0.20 -28.80 2.91
CA ASN A 148 -0.99 -29.49 3.93
C ASN A 148 -1.99 -28.55 4.59
N TYR A 149 -3.06 -28.26 3.84
CA TYR A 149 -4.14 -27.37 4.28
C TYR A 149 -5.52 -27.94 3.88
N PRO A 150 -6.52 -27.89 4.78
CA PRO A 150 -7.88 -28.33 4.42
C PRO A 150 -8.47 -27.40 3.36
N LEU A 151 -9.33 -27.93 2.48
CA LEU A 151 -9.92 -27.18 1.36
C LEU A 151 -10.63 -25.87 1.77
N CYS A 152 -11.35 -25.85 2.93
CA CYS A 152 -12.05 -24.62 3.38
C CYS A 152 -11.08 -23.49 3.85
N HIS A 153 -9.75 -23.76 3.90
CA HIS A 153 -8.70 -22.78 4.23
C HIS A 153 -8.24 -22.05 2.97
N PHE A 154 -8.68 -22.50 1.77
CA PHE A 154 -8.35 -21.85 0.49
C PHE A 154 -9.43 -20.82 0.14
N GLN A 155 -9.00 -19.61 -0.24
CA GLN A 155 -9.85 -18.47 -0.61
C GLN A 155 -10.82 -18.76 -1.75
N TYR A 156 -10.36 -19.49 -2.79
CA TYR A 156 -11.16 -19.84 -3.97
C TYR A 156 -12.30 -20.77 -3.59
N ILE A 157 -12.02 -21.74 -2.71
CA ILE A 157 -12.98 -22.72 -2.21
C ILE A 157 -14.00 -21.96 -1.36
N CYS A 158 -13.53 -21.08 -0.48
CA CYS A 158 -14.37 -20.22 0.38
C CYS A 158 -15.29 -19.32 -0.44
N SER A 159 -14.79 -18.79 -1.58
CA SER A 159 -15.59 -17.97 -2.50
C SER A 159 -16.70 -18.82 -3.13
N CYS A 160 -16.40 -20.11 -3.37
CA CYS A 160 -17.31 -21.10 -3.94
C CYS A 160 -18.31 -21.66 -2.90
N LEU A 161 -18.03 -21.51 -1.59
CA LEU A 161 -18.91 -21.99 -0.50
C LEU A 161 -19.93 -20.91 -0.10
N HIS A 162 -19.50 -19.63 -0.02
CA HIS A 162 -20.36 -18.50 0.36
C HIS A 162 -21.35 -18.13 -0.76
N SER A 163 -20.96 -18.34 -2.04
CA SER A 163 -21.80 -18.08 -3.21
C SER A 163 -22.62 -19.32 -3.60
N GLY A 164 -22.03 -20.51 -3.41
CA GLY A 164 -22.65 -21.80 -3.71
C GLY A 164 -22.18 -22.47 -4.98
N LEU A 165 -21.30 -21.80 -5.75
CA LEU A 165 -20.77 -22.30 -7.03
C LEU A 165 -19.85 -23.56 -6.87
N THR A 166 -19.70 -24.34 -7.96
CA THR A 166 -18.90 -25.58 -7.99
C THR A 166 -17.42 -25.29 -8.34
N PRO A 167 -16.44 -25.61 -7.45
CA PRO A 167 -15.02 -25.40 -7.79
C PRO A 167 -14.56 -26.23 -8.99
N HIS A 168 -13.83 -25.61 -9.94
CA HIS A 168 -13.33 -26.31 -11.13
C HIS A 168 -11.81 -26.32 -11.12
N LEU A 169 -11.21 -27.51 -11.01
CA LEU A 169 -9.77 -27.65 -10.90
C LEU A 169 -9.15 -28.52 -11.98
N THR A 170 -7.86 -28.26 -12.29
CA THR A 170 -7.09 -29.01 -13.29
C THR A 170 -5.86 -29.56 -12.65
N MET A 171 -5.73 -30.89 -12.70
CA MET A 171 -4.59 -31.67 -12.21
C MET A 171 -3.38 -31.34 -13.09
N VAL A 172 -2.37 -30.69 -12.50
CA VAL A 172 -1.14 -30.34 -13.24
C VAL A 172 0.02 -31.13 -12.69
N HIS A 173 0.70 -31.90 -13.55
CA HIS A 173 1.83 -32.74 -13.19
C HIS A 173 3.07 -31.88 -12.98
N SER A 174 4.00 -32.38 -12.14
CA SER A 174 5.28 -31.77 -11.79
C SER A 174 6.13 -31.33 -12.99
N SER A 175 6.19 -32.15 -14.07
CA SER A 175 6.97 -31.86 -15.28
C SER A 175 6.42 -30.67 -16.08
N SER A 176 5.09 -30.47 -16.04
CA SER A 176 4.40 -29.39 -16.73
C SER A 176 4.68 -28.05 -16.05
N ILE A 177 4.85 -28.06 -14.71
CA ILE A 177 5.22 -26.91 -13.87
C ILE A 177 6.71 -26.61 -14.09
N LEU A 178 7.53 -27.66 -14.28
CA LEU A 178 8.97 -27.51 -14.52
C LEU A 178 9.21 -26.98 -15.93
N ALA A 179 8.26 -27.19 -16.85
CA ALA A 179 8.30 -26.67 -18.21
C ALA A 179 8.02 -25.16 -18.16
N MET A 180 7.20 -24.69 -17.19
CA MET A 180 6.87 -23.29 -16.94
C MET A 180 8.13 -22.57 -16.49
N ARG A 181 8.77 -23.10 -15.42
CA ARG A 181 10.01 -22.58 -14.82
C ARG A 181 11.12 -22.41 -15.85
N ASP A 182 11.18 -23.30 -16.86
CA ASP A 182 12.21 -23.27 -17.89
C ASP A 182 11.93 -22.26 -19.00
N GLU A 183 10.64 -22.05 -19.38
CA GLU A 183 10.28 -21.05 -20.41
C GLU A 183 10.08 -19.64 -19.80
N GLN A 184 10.45 -19.49 -18.50
CA GLN A 184 10.39 -18.25 -17.73
C GLN A 184 11.77 -18.00 -17.06
N SER A 185 12.86 -18.38 -17.76
CA SER A 185 14.25 -18.23 -17.34
C SER A 185 14.87 -16.95 -17.92
N ASN A 186 15.90 -16.40 -17.23
CA ASN A 186 16.64 -15.19 -17.62
C ASN A 186 17.77 -15.52 -18.60
N LEU A 211 36.53 12.54 11.55
CA LEU A 211 36.60 11.84 12.83
C LEU A 211 36.43 12.78 14.06
N TRP A 212 36.77 12.30 15.28
CA TRP A 212 36.65 13.02 16.55
C TRP A 212 37.58 14.25 16.68
N SER A 213 38.67 14.30 15.87
CA SER A 213 39.70 15.35 15.85
C SER A 213 39.18 16.76 15.56
N LEU A 214 38.15 16.88 14.71
CA LEU A 214 37.59 18.16 14.30
C LEU A 214 36.63 18.76 15.36
N GLU A 215 37.20 19.43 16.38
CA GLU A 215 36.45 20.03 17.48
C GLU A 215 35.85 21.43 17.17
N GLN A 216 36.12 21.98 15.97
CA GLN A 216 35.61 23.29 15.53
C GLN A 216 34.11 23.26 15.23
N PRO A 217 33.36 24.39 15.30
CA PRO A 217 31.94 24.33 14.97
C PRO A 217 31.71 24.20 13.46
N PHE A 218 30.57 23.55 13.07
CA PHE A 218 30.20 23.38 11.66
C PHE A 218 29.73 24.72 11.11
N SER A 219 30.18 25.02 9.89
CA SER A 219 29.90 26.28 9.20
C SER A 219 29.73 26.08 7.71
N ILE A 220 29.00 26.98 7.04
CA ILE A 220 28.79 26.98 5.58
C ILE A 220 28.81 28.39 5.04
N GLU A 221 29.42 28.58 3.87
CA GLU A 221 29.41 29.88 3.22
C GLU A 221 28.18 29.91 2.31
N LEU A 222 27.25 30.83 2.59
CA LEU A 222 26.07 31.05 1.77
C LEU A 222 26.48 32.07 0.69
N ILE A 223 26.80 31.58 -0.53
CA ILE A 223 27.24 32.43 -1.66
C ILE A 223 26.09 33.29 -2.22
N GLU A 224 25.29 32.75 -3.17
CA GLU A 224 24.21 33.49 -3.84
C GLU A 224 23.04 32.63 -4.34
N GLY A 225 21.94 33.31 -4.71
CA GLY A 225 20.73 32.71 -5.27
C GLY A 225 20.42 33.19 -6.68
N ARG A 226 19.32 32.68 -7.28
CA ARG A 226 18.78 33.02 -8.63
C ARG A 226 17.30 32.59 -8.78
N LYS A 227 16.40 33.33 -8.09
CA LYS A 227 14.96 33.09 -7.94
C LYS A 227 13.98 34.12 -8.55
N VAL A 228 12.68 34.02 -8.17
CA VAL A 228 11.54 34.85 -8.58
C VAL A 228 10.55 35.05 -7.39
N ASN A 229 10.24 36.33 -7.05
CA ASN A 229 9.28 36.77 -6.02
C ASN A 229 9.20 38.30 -5.89
N ALA A 230 8.11 38.82 -5.28
CA ALA A 230 7.85 40.24 -5.06
C ALA A 230 8.31 40.66 -3.66
N MET A 234 10.30 44.09 -0.73
CA MET A 234 10.58 42.93 0.13
C MET A 234 12.04 42.45 0.03
N LYS A 235 12.48 41.66 1.05
CA LYS A 235 13.84 41.11 1.16
C LYS A 235 13.83 39.58 1.30
N LEU A 236 14.96 38.97 0.93
CA LEU A 236 15.21 37.53 0.97
C LEU A 236 16.12 37.12 2.14
N VAL A 237 15.58 36.22 2.98
CA VAL A 237 16.23 35.63 4.14
C VAL A 237 16.36 34.15 3.81
N VAL A 238 17.52 33.57 4.07
CA VAL A 238 17.78 32.15 3.87
C VAL A 238 17.95 31.57 5.27
N GLN A 239 16.92 30.85 5.75
CA GLN A 239 16.97 30.16 7.04
C GLN A 239 17.61 28.80 6.81
N ALA A 240 18.62 28.47 7.61
CA ALA A 240 19.31 27.20 7.55
C ALA A 240 19.05 26.48 8.88
N GLY A 241 19.32 25.19 8.92
CA GLY A 241 19.12 24.38 10.11
C GLY A 241 19.70 23.00 9.93
N LEU A 242 20.15 22.40 11.04
CA LEU A 242 20.70 21.06 11.00
C LEU A 242 19.74 20.13 11.72
N PHE A 243 19.36 19.05 11.05
CA PHE A 243 18.41 18.08 11.57
C PHE A 243 18.92 16.64 11.52
N HIS A 244 18.42 15.86 12.46
CA HIS A 244 18.55 14.40 12.57
C HIS A 244 17.07 13.99 12.66
N GLY A 245 16.55 13.51 11.53
CA GLY A 245 15.13 13.18 11.42
C GLY A 245 14.28 14.42 11.59
N ASN A 246 13.24 14.30 12.42
CA ASN A 246 12.29 15.37 12.73
C ASN A 246 12.81 16.35 13.81
N GLU A 247 14.03 16.13 14.33
CA GLU A 247 14.53 16.99 15.39
C GLU A 247 15.83 17.74 15.03
N MET A 248 15.95 18.95 15.61
CA MET A 248 17.08 19.89 15.46
C MET A 248 18.29 19.45 16.26
N LEU A 249 19.48 19.43 15.63
CA LEU A 249 20.75 19.09 16.29
C LEU A 249 21.34 20.31 17.01
N CYS A 250 20.82 21.51 16.72
CA CYS A 250 21.17 22.83 17.25
C CYS A 250 20.12 23.84 16.80
N LYS A 251 20.23 25.11 17.22
CA LYS A 251 19.28 26.15 16.86
C LYS A 251 19.49 26.63 15.42
N THR A 252 18.39 26.95 14.73
CA THR A 252 18.40 27.41 13.32
C THR A 252 19.14 28.74 13.20
N VAL A 253 20.01 28.88 12.18
CA VAL A 253 20.73 30.14 11.93
C VAL A 253 20.21 30.80 10.66
N SER A 254 19.90 32.09 10.75
CA SER A 254 19.39 32.88 9.63
C SER A 254 20.48 33.74 8.98
N SER A 255 20.21 34.18 7.75
CA SER A 255 21.05 35.00 6.90
C SER A 255 20.60 36.48 6.97
N SER A 256 21.35 37.39 6.35
CA SER A 256 21.03 38.82 6.28
C SER A 256 19.90 39.08 5.27
N GLU A 257 19.06 40.10 5.54
CA GLU A 257 17.96 40.50 4.66
C GLU A 257 18.53 41.21 3.41
N VAL A 258 18.73 40.45 2.33
CA VAL A 258 19.24 40.91 1.02
C VAL A 258 18.01 41.13 0.11
N ASN A 259 17.90 42.33 -0.54
CA ASN A 259 16.79 42.75 -1.42
C ASN A 259 16.35 41.73 -2.49
N VAL A 260 15.03 41.73 -2.80
CA VAL A 260 14.35 40.85 -3.77
C VAL A 260 15.00 40.90 -5.19
N CYS A 261 15.47 42.09 -5.63
CA CYS A 261 16.10 42.35 -6.93
C CYS A 261 17.25 41.39 -7.27
N PRO A 264 20.26 37.45 -6.27
CA PRO A 264 20.64 37.80 -4.89
C PRO A 264 22.02 37.28 -4.53
N VAL A 265 22.83 38.12 -3.87
CA VAL A 265 24.19 37.78 -3.41
C VAL A 265 24.24 37.87 -1.88
N TRP A 266 25.02 36.98 -1.24
CA TRP A 266 25.18 36.95 0.22
C TRP A 266 26.65 36.88 0.63
N LYS A 267 27.40 35.85 0.15
CA LYS A 267 28.80 35.53 0.48
C LYS A 267 29.04 35.70 1.99
N GLN A 268 28.16 35.05 2.78
CA GLN A 268 28.08 35.12 4.23
C GLN A 268 28.35 33.78 4.89
N ARG A 269 29.25 33.78 5.90
CA ARG A 269 29.57 32.57 6.68
C ARG A 269 28.45 32.35 7.69
N LEU A 270 27.91 31.11 7.71
CA LEU A 270 26.85 30.70 8.63
C LEU A 270 27.40 29.58 9.52
N GLU A 271 27.54 29.88 10.82
CA GLU A 271 28.06 28.94 11.81
C GLU A 271 26.95 28.38 12.67
N PHE A 272 27.00 27.07 12.90
CA PHE A 272 26.03 26.33 13.70
C PHE A 272 26.61 25.96 15.07
N ASP A 273 25.77 26.01 16.11
CA ASP A 273 26.08 25.70 17.50
C ASP A 273 26.27 24.17 17.69
N ILE A 274 27.27 23.59 16.98
CA ILE A 274 27.61 22.16 16.99
C ILE A 274 29.00 21.92 16.36
N SER A 275 29.80 21.10 17.03
CA SER A 275 31.14 20.70 16.60
C SER A 275 31.06 19.69 15.45
N VAL A 276 31.96 19.82 14.46
CA VAL A 276 32.07 18.95 13.27
C VAL A 276 32.18 17.45 13.67
N CYS A 277 32.87 17.16 14.79
CA CYS A 277 33.00 15.78 15.29
C CYS A 277 31.71 15.26 15.93
N ASP A 278 30.78 16.18 16.28
CA ASP A 278 29.49 15.86 16.87
C ASP A 278 28.38 15.69 15.79
N LEU A 279 28.76 15.61 14.50
CA LEU A 279 27.80 15.45 13.42
C LEU A 279 27.40 13.99 13.24
N PRO A 280 26.10 13.64 13.47
CA PRO A 280 25.70 12.23 13.27
C PRO A 280 25.75 11.87 11.79
N ARG A 281 26.06 10.61 11.48
CA ARG A 281 26.22 10.09 10.12
C ARG A 281 25.08 10.49 9.17
N MET A 282 23.86 10.61 9.70
CA MET A 282 22.67 10.93 8.93
C MET A 282 22.23 12.39 9.10
N ALA A 283 23.20 13.27 9.42
CA ALA A 283 22.96 14.71 9.57
C ALA A 283 22.50 15.29 8.23
N ARG A 284 21.48 16.16 8.32
CA ARG A 284 20.78 16.77 7.21
C ARG A 284 20.81 18.30 7.36
N LEU A 285 21.35 19.00 6.34
CA LEU A 285 21.38 20.46 6.31
C LEU A 285 20.18 20.94 5.48
N CYS A 286 19.29 21.69 6.12
CA CYS A 286 18.04 22.13 5.56
C CYS A 286 17.91 23.64 5.40
N PHE A 287 17.64 24.07 4.16
CA PHE A 287 17.50 25.46 3.76
C PHE A 287 16.09 25.85 3.42
N ALA A 288 15.76 27.12 3.67
CA ALA A 288 14.49 27.70 3.32
C ALA A 288 14.74 29.15 2.90
N LEU A 289 14.36 29.47 1.66
CA LEU A 289 14.46 30.81 1.07
C LEU A 289 13.07 31.41 1.13
N TYR A 290 12.93 32.55 1.81
CA TYR A 290 11.64 33.22 1.96
C TYR A 290 11.73 34.74 1.82
N ALA A 291 10.59 35.36 1.48
CA ALA A 291 10.43 36.79 1.30
C ALA A 291 9.83 37.39 2.56
N VAL A 292 10.29 38.61 2.94
CA VAL A 292 9.78 39.26 4.15
C VAL A 292 9.65 40.79 3.99
N VAL A 293 8.71 41.40 4.76
CA VAL A 293 8.44 42.83 4.81
C VAL A 293 9.42 43.48 5.80
N ASP A 310 5.55 37.30 6.27
CA ASP A 310 6.42 36.23 5.78
C ASP A 310 5.79 35.46 4.60
N CYS A 311 6.53 35.33 3.49
CA CYS A 311 6.11 34.61 2.28
C CYS A 311 7.14 33.50 1.93
N PRO A 312 6.79 32.20 2.02
CA PRO A 312 7.77 31.16 1.65
C PRO A 312 7.95 31.05 0.13
N ILE A 313 9.19 30.84 -0.33
CA ILE A 313 9.46 30.74 -1.76
C ILE A 313 9.87 29.31 -2.17
N ALA A 314 10.92 28.76 -1.54
CA ALA A 314 11.45 27.45 -1.90
C ALA A 314 12.20 26.80 -0.74
N TRP A 315 12.51 25.49 -0.89
CA TRP A 315 13.26 24.71 0.10
C TRP A 315 14.22 23.76 -0.58
N ALA A 316 15.26 23.34 0.15
CA ALA A 316 16.25 22.36 -0.32
C ALA A 316 16.97 21.79 0.87
N ASN A 317 17.25 20.49 0.84
CA ASN A 317 17.96 19.80 1.90
C ASN A 317 19.12 19.06 1.30
N LEU A 318 20.13 18.74 2.13
CA LEU A 318 21.28 17.93 1.70
C LEU A 318 21.92 17.22 2.89
N MET A 319 22.45 16.02 2.65
CA MET A 319 23.17 15.23 3.65
C MET A 319 24.60 15.80 3.70
N LEU A 320 25.21 15.89 4.91
CA LEU A 320 26.58 16.38 5.10
C LEU A 320 27.63 15.31 4.75
N PHE A 321 27.25 14.02 4.76
CA PHE A 321 28.13 12.91 4.36
C PHE A 321 27.57 12.30 3.05
N ASP A 322 28.45 11.73 2.20
CA ASP A 322 28.01 11.12 0.95
C ASP A 322 27.72 9.63 1.12
N TYR A 323 27.32 8.96 0.03
CA TYR A 323 27.01 7.52 0.01
C TYR A 323 28.24 6.62 0.35
N LYS A 324 29.46 7.20 0.34
CA LYS A 324 30.73 6.52 0.67
C LYS A 324 31.26 7.01 2.05
N ASP A 325 30.36 7.62 2.87
CA ASP A 325 30.55 8.14 4.24
C ASP A 325 31.49 9.35 4.32
N GLN A 326 31.89 9.91 3.17
CA GLN A 326 32.80 11.05 3.17
C GLN A 326 32.07 12.36 3.45
N LEU A 327 32.56 13.15 4.43
CA LEU A 327 32.03 14.47 4.76
C LEU A 327 32.28 15.31 3.52
N LYS A 328 31.21 15.90 2.99
CA LYS A 328 31.22 16.65 1.73
C LYS A 328 31.99 17.97 1.76
N THR A 329 32.76 18.23 0.66
CA THR A 329 33.54 19.43 0.33
C THR A 329 33.56 19.58 -1.21
N GLY A 330 33.31 20.77 -1.77
CA GLY A 330 33.04 22.02 -1.08
C GLY A 330 31.87 22.79 -1.66
N GLU A 331 32.01 23.29 -2.91
CA GLU A 331 30.93 24.06 -3.57
C GLU A 331 29.77 23.17 -4.00
N ARG A 332 28.52 23.64 -3.76
CA ARG A 332 27.31 22.94 -4.15
C ARG A 332 26.22 23.87 -4.63
N CYS A 333 25.60 23.53 -5.78
CA CYS A 333 24.45 24.28 -6.29
C CYS A 333 23.20 23.47 -5.93
N LEU A 334 22.30 24.10 -5.20
CA LEU A 334 21.09 23.46 -4.69
C LEU A 334 19.81 23.91 -5.40
N TYR A 335 19.34 23.07 -6.31
CA TYR A 335 18.12 23.31 -7.08
C TYR A 335 16.93 23.07 -6.17
N MET A 336 16.35 24.18 -5.72
CA MET A 336 15.29 24.26 -4.75
C MET A 336 13.93 23.78 -5.28
N TRP A 337 13.10 23.29 -4.36
CA TRP A 337 11.77 22.80 -4.61
C TRP A 337 10.75 23.88 -4.21
N PRO A 338 9.65 24.10 -4.95
CA PRO A 338 8.69 25.16 -4.57
C PRO A 338 8.03 24.91 -3.22
N SER A 339 7.76 25.99 -2.47
CA SER A 339 7.15 25.93 -1.13
C SER A 339 5.65 26.16 -1.14
N VAL A 340 4.96 25.67 -0.09
CA VAL A 340 3.50 25.78 0.11
C VAL A 340 3.09 27.22 0.42
N LEU A 347 8.21 26.22 8.35
CA LEU A 347 8.75 26.69 7.09
C LEU A 347 9.89 25.80 6.58
N LEU A 348 10.77 25.34 7.49
CA LEU A 348 11.88 24.43 7.17
C LEU A 348 11.29 23.04 6.89
N ASN A 349 11.84 22.28 5.93
CA ASN A 349 11.27 20.97 5.58
C ASN A 349 12.24 19.80 5.75
N PRO A 350 12.57 19.36 7.00
CA PRO A 350 13.51 18.23 7.16
C PRO A 350 13.09 16.92 6.53
N ALA A 351 11.75 16.64 6.50
CA ALA A 351 11.18 15.43 5.90
C ALA A 351 11.35 15.37 4.37
N GLY A 352 11.51 16.53 3.73
CA GLY A 352 11.70 16.67 2.28
C GLY A 352 12.91 15.92 1.74
N THR A 353 12.89 15.60 0.44
CA THR A 353 13.99 14.89 -0.24
C THR A 353 15.34 15.66 -0.14
N VAL A 354 16.46 14.91 -0.13
CA VAL A 354 17.84 15.48 -0.08
C VAL A 354 18.48 15.49 -1.49
N ARG A 355 17.63 15.41 -2.53
CA ARG A 355 18.02 15.48 -3.94
C ARG A 355 17.37 16.71 -4.53
N GLY A 356 18.14 17.45 -5.32
CA GLY A 356 17.70 18.69 -5.94
C GLY A 356 16.64 18.50 -7.01
N ASN A 357 15.94 19.59 -7.29
CA ASN A 357 14.90 19.69 -8.30
C ASN A 357 15.50 19.36 -9.69
N PRO A 358 14.99 18.34 -10.43
CA PRO A 358 15.59 18.01 -11.74
C PRO A 358 15.26 19.02 -12.84
N ASN A 359 14.33 19.96 -12.55
CA ASN A 359 13.89 21.03 -13.43
C ASN A 359 14.86 22.21 -13.24
N THR A 360 16.12 22.00 -13.62
CA THR A 360 17.23 22.96 -13.48
C THR A 360 17.05 24.24 -14.33
N GLU A 361 16.12 24.21 -15.33
CA GLU A 361 15.80 25.33 -16.22
C GLU A 361 14.86 26.36 -15.57
N SER A 362 13.99 25.93 -14.63
CA SER A 362 13.05 26.84 -13.98
C SER A 362 13.17 26.89 -12.44
N ALA A 363 13.97 25.98 -11.86
CA ALA A 363 14.15 25.96 -10.40
C ALA A 363 15.08 27.05 -9.89
N ALA A 364 14.69 27.68 -8.78
CA ALA A 364 15.48 28.65 -8.05
C ALA A 364 16.67 27.87 -7.46
N ALA A 365 17.87 28.45 -7.49
CA ALA A 365 19.04 27.74 -6.99
C ALA A 365 19.73 28.50 -5.88
N LEU A 366 20.37 27.77 -4.97
CA LEU A 366 21.14 28.34 -3.87
C LEU A 366 22.53 27.76 -3.98
N VAL A 367 23.51 28.61 -4.17
CA VAL A 367 24.91 28.17 -4.27
C VAL A 367 25.49 28.35 -2.88
N ILE A 368 26.13 27.28 -2.37
CA ILE A 368 26.73 27.27 -1.04
C ILE A 368 28.15 26.69 -1.09
N TYR A 369 28.92 26.88 -0.01
CA TYR A 369 30.25 26.32 0.13
C TYR A 369 30.35 25.53 1.43
N LEU A 370 30.90 24.30 1.35
CA LEU A 370 31.13 23.36 2.45
C LEU A 370 32.62 23.51 2.75
N PRO A 371 33.01 24.33 3.76
CA PRO A 371 34.45 24.57 4.00
C PRO A 371 35.28 23.32 4.28
N GLU A 372 36.40 23.18 3.55
CA GLU A 372 37.36 22.08 3.67
C GLU A 372 37.98 22.08 5.07
N VAL A 373 38.04 20.89 5.67
CA VAL A 373 38.57 20.71 7.04
C VAL A 373 39.87 19.89 7.04
N ALA A 374 40.54 19.78 5.86
CA ALA A 374 41.79 19.03 5.68
C ALA A 374 42.99 19.97 5.58
N PRO A 377 40.88 14.14 3.52
CA PRO A 377 39.63 13.36 3.33
C PRO A 377 39.12 12.74 4.62
N VAL A 378 38.00 13.28 5.14
CA VAL A 378 37.36 12.82 6.38
C VAL A 378 36.14 11.94 6.10
N TYR A 379 36.13 10.75 6.71
CA TYR A 379 35.08 9.73 6.60
C TYR A 379 34.41 9.55 7.95
N PHE A 380 33.20 8.97 7.96
CA PHE A 380 32.55 8.68 9.23
C PHE A 380 33.19 7.40 9.80
N PRO A 381 33.55 7.38 11.11
CA PRO A 381 34.21 6.18 11.67
C PRO A 381 33.45 4.87 11.50
N ALA A 382 34.20 3.78 11.21
CA ALA A 382 33.72 2.41 11.05
C ALA A 382 33.12 1.92 12.37
N LEU A 383 32.24 0.89 12.30
CA LEU A 383 31.55 0.34 13.46
C LEU A 383 32.54 -0.10 14.60
N GLU A 384 33.75 -0.60 14.25
CA GLU A 384 34.79 -0.98 15.23
C GLU A 384 35.19 0.19 16.15
N LYS A 385 35.27 1.42 15.60
CA LYS A 385 35.60 2.63 16.33
C LYS A 385 34.42 3.09 17.19
N ILE A 386 33.17 2.97 16.67
CA ILE A 386 31.92 3.33 17.35
C ILE A 386 31.72 2.40 18.58
N LEU A 387 31.90 1.07 18.37
CA LEU A 387 31.78 0.03 19.39
C LEU A 387 32.87 0.14 20.47
N GLU A 388 34.04 0.73 20.10
CA GLU A 388 35.16 0.98 21.01
C GLU A 388 34.77 2.11 21.98
N LEU A 389 34.03 3.13 21.50
CA LEU A 389 33.55 4.27 22.28
C LEU A 389 32.04 4.20 22.56
N LEU A 406 9.80 4.72 39.47
CA LEU A 406 9.34 5.83 38.63
C LEU A 406 9.64 5.60 37.15
N ARG A 407 10.59 4.69 36.86
CA ARG A 407 11.01 4.28 35.51
C ARG A 407 9.90 3.51 34.78
N GLU A 408 9.24 2.58 35.50
CA GLU A 408 8.15 1.75 34.98
C GLU A 408 6.86 2.54 34.85
N ILE A 409 6.61 3.53 35.74
CA ILE A 409 5.39 4.34 35.77
C ILE A 409 5.28 5.32 34.56
N LEU A 410 6.42 5.69 33.94
CA LEU A 410 6.43 6.58 32.78
C LEU A 410 6.33 5.83 31.45
N GLU A 411 6.83 4.57 31.42
CA GLU A 411 6.89 3.69 30.25
C GLU A 411 5.51 3.15 29.80
N ARG A 412 4.56 4.07 29.51
CA ARG A 412 3.19 3.82 29.02
C ARG A 412 2.50 5.10 28.53
N GLU A 417 6.32 12.11 24.44
CA GLU A 417 5.74 13.15 25.28
C GLU A 417 6.16 12.97 26.75
N LEU A 418 7.37 13.42 27.10
CA LEU A 418 7.92 13.32 28.45
C LEU A 418 8.87 14.50 28.79
N TYR A 419 8.85 14.94 30.07
CA TYR A 419 9.66 16.06 30.59
C TYR A 419 11.16 15.75 30.62
N GLU A 420 11.99 16.81 30.71
CA GLU A 420 13.46 16.76 30.71
C GLU A 420 14.05 15.76 31.73
N HIS A 421 13.59 15.79 33.01
CA HIS A 421 14.09 14.90 34.07
C HIS A 421 13.80 13.41 33.77
N GLU A 422 12.64 13.13 33.16
CA GLU A 422 12.20 11.78 32.77
C GLU A 422 13.13 11.22 31.69
N LYS A 423 13.55 12.08 30.72
CA LYS A 423 14.46 11.74 29.64
C LYS A 423 15.83 11.34 30.18
N ASP A 424 16.33 12.08 31.19
CA ASP A 424 17.62 11.85 31.86
C ASP A 424 17.62 10.51 32.58
N LEU A 425 16.48 10.18 33.22
CA LEU A 425 16.24 8.93 33.94
C LEU A 425 16.38 7.75 32.98
N VAL A 426 15.63 7.77 31.84
CA VAL A 426 15.64 6.75 30.77
C VAL A 426 17.06 6.54 30.22
N TRP A 427 17.80 7.64 30.00
CA TRP A 427 19.16 7.55 29.49
C TRP A 427 20.15 6.88 30.47
N LYS A 428 20.07 7.24 31.77
CA LYS A 428 20.92 6.67 32.83
C LYS A 428 20.63 5.17 32.96
N MET A 429 19.35 4.82 32.90
CA MET A 429 18.82 3.47 33.00
C MET A 429 18.76 2.73 31.64
N ARG A 430 19.58 3.15 30.64
CA ARG A 430 19.63 2.55 29.30
C ARG A 430 19.96 1.04 29.29
N HIS A 431 20.73 0.59 30.30
CA HIS A 431 21.13 -0.81 30.48
C HIS A 431 19.96 -1.66 30.99
N GLU A 432 19.10 -1.07 31.84
CA GLU A 432 17.88 -1.69 32.41
C GLU A 432 16.84 -1.84 31.29
N VAL A 433 16.72 -0.78 30.46
CA VAL A 433 15.85 -0.74 29.28
C VAL A 433 16.24 -1.91 28.35
N GLN A 434 17.52 -2.05 27.98
CA GLN A 434 17.95 -3.15 27.12
C GLN A 434 17.63 -4.55 27.66
N GLU A 435 17.98 -4.79 28.95
CA GLU A 435 17.87 -6.09 29.60
C GLU A 435 16.45 -6.49 30.03
N HIS A 436 15.65 -5.54 30.57
CA HIS A 436 14.31 -5.84 31.07
C HIS A 436 13.14 -5.21 30.27
N PHE A 437 13.41 -4.23 29.40
CA PHE A 437 12.38 -3.55 28.58
C PHE A 437 12.82 -3.43 27.09
N PRO A 438 13.32 -4.50 26.39
CA PRO A 438 13.80 -4.34 25.00
C PRO A 438 12.86 -3.67 24.01
N GLU A 439 11.53 -3.86 24.18
CA GLU A 439 10.48 -3.27 23.34
C GLU A 439 10.35 -1.74 23.52
N ALA A 440 10.97 -1.17 24.57
CA ALA A 440 10.96 0.29 24.83
C ALA A 440 12.16 1.02 24.18
N LEU A 441 12.88 0.33 23.25
CA LEU A 441 14.01 0.82 22.47
C LEU A 441 13.68 2.15 21.78
N ALA A 442 12.53 2.22 21.07
CA ALA A 442 12.03 3.42 20.39
C ALA A 442 12.00 4.64 21.32
N ARG A 443 11.56 4.46 22.58
CA ARG A 443 11.52 5.52 23.59
C ARG A 443 12.95 5.93 24.04
N LEU A 444 13.90 4.99 24.05
CA LEU A 444 15.29 5.25 24.43
C LEU A 444 16.07 5.93 23.28
N LEU A 445 15.74 5.58 22.02
CA LEU A 445 16.37 6.17 20.84
C LEU A 445 16.05 7.67 20.72
N LEU A 446 14.82 8.06 21.12
CA LEU A 446 14.32 9.43 21.09
C LEU A 446 14.87 10.31 22.22
N VAL A 447 15.39 9.71 23.32
CA VAL A 447 15.91 10.50 24.44
C VAL A 447 17.40 10.78 24.25
N THR A 448 18.12 9.90 23.49
CA THR A 448 19.55 10.01 23.20
C THR A 448 19.87 11.32 22.51
N LYS A 449 20.99 11.93 22.91
CA LYS A 449 21.45 13.18 22.32
C LYS A 449 22.22 12.83 21.05
N TRP A 450 21.56 13.00 19.88
CA TRP A 450 22.17 12.70 18.58
C TRP A 450 23.21 13.74 18.16
N ASN A 451 23.22 14.92 18.84
CA ASN A 451 24.19 16.00 18.64
C ASN A 451 25.48 15.82 19.50
N LYS A 452 25.68 14.64 20.13
CA LYS A 452 26.86 14.31 20.94
C LYS A 452 27.38 12.95 20.50
N HIS A 453 28.50 12.91 19.76
CA HIS A 453 29.07 11.67 19.19
C HIS A 453 29.34 10.56 20.23
N GLU A 454 29.64 10.95 21.49
CA GLU A 454 29.89 10.03 22.61
C GLU A 454 28.59 9.30 22.98
N ASP A 455 27.48 10.05 23.21
CA ASP A 455 26.14 9.55 23.53
C ASP A 455 25.59 8.59 22.47
N VAL A 456 25.87 8.88 21.17
CA VAL A 456 25.45 8.09 20.01
C VAL A 456 26.14 6.73 20.02
N ALA A 457 27.48 6.71 20.22
CA ALA A 457 28.29 5.49 20.25
C ALA A 457 27.88 4.57 21.40
N GLN A 458 27.44 5.16 22.54
CA GLN A 458 27.00 4.44 23.73
C GLN A 458 25.71 3.69 23.40
N MET A 459 24.75 4.41 22.77
CA MET A 459 23.46 3.88 22.31
C MET A 459 23.68 2.82 21.24
N LEU A 460 24.56 3.10 20.28
CA LEU A 460 24.87 2.18 19.18
C LEU A 460 25.52 0.88 19.65
N TYR A 461 26.25 0.90 20.80
CA TYR A 461 26.87 -0.30 21.38
C TYR A 461 25.77 -1.19 21.99
N LEU A 462 24.72 -0.57 22.56
CA LEU A 462 23.57 -1.29 23.11
C LEU A 462 22.73 -1.89 21.98
N LEU A 463 22.53 -1.12 20.88
CA LEU A 463 21.76 -1.55 19.72
C LEU A 463 22.39 -2.76 19.01
N CYS A 464 23.73 -2.82 18.98
CA CYS A 464 24.45 -3.91 18.33
C CYS A 464 24.33 -5.25 19.07
N SER A 465 23.88 -5.20 20.34
CA SER A 465 23.63 -6.40 21.15
C SER A 465 22.12 -6.51 21.52
N TRP A 466 21.30 -5.56 21.03
CA TRP A 466 19.86 -5.51 21.28
C TRP A 466 19.12 -6.68 20.68
N PRO A 467 18.25 -7.37 21.47
CA PRO A 467 17.50 -8.51 20.91
C PRO A 467 16.46 -8.08 19.87
N GLU A 468 16.26 -8.94 18.86
CA GLU A 468 15.25 -8.77 17.79
C GLU A 468 13.91 -8.39 18.40
N LEU A 469 13.27 -7.38 17.81
CA LEU A 469 11.98 -6.89 18.28
C LEU A 469 10.78 -7.49 17.52
N PRO A 470 9.54 -7.52 18.08
CA PRO A 470 8.39 -7.98 17.28
C PRO A 470 8.16 -7.03 16.09
N VAL A 471 7.57 -7.55 15.00
CA VAL A 471 7.23 -6.83 13.77
C VAL A 471 6.57 -5.46 14.08
N LEU A 472 5.62 -5.46 15.05
CA LEU A 472 4.89 -4.28 15.52
C LEU A 472 5.82 -3.15 15.99
N SER A 473 6.90 -3.52 16.71
CA SER A 473 7.89 -2.56 17.21
C SER A 473 8.80 -2.09 16.08
N ALA A 474 9.23 -3.05 15.21
CA ALA A 474 10.11 -2.80 14.08
C ALA A 474 9.50 -1.81 13.08
N LEU A 475 8.14 -1.81 12.95
CA LEU A 475 7.35 -0.92 12.08
C LEU A 475 7.39 0.53 12.55
N GLU A 476 7.52 0.75 13.87
CA GLU A 476 7.64 2.07 14.50
C GLU A 476 9.01 2.67 14.18
N LEU A 477 10.05 1.81 14.14
CA LEU A 477 11.45 2.15 13.85
C LEU A 477 11.72 2.55 12.41
N LEU A 478 10.73 2.39 11.49
CA LEU A 478 10.87 2.76 10.08
C LEU A 478 10.50 4.23 9.88
N ASP A 479 9.85 4.85 10.87
CA ASP A 479 9.42 6.24 10.84
C ASP A 479 10.60 7.21 10.70
N PHE A 480 10.36 8.39 10.08
CA PHE A 480 11.36 9.43 9.89
C PHE A 480 11.96 9.93 11.24
N SER A 481 11.26 9.65 12.35
CA SER A 481 11.63 9.94 13.74
C SER A 481 12.84 9.13 14.24
N PHE A 482 13.31 8.14 13.44
CA PHE A 482 14.44 7.26 13.74
C PHE A 482 15.38 7.23 12.51
N PRO A 483 16.05 8.37 12.19
CA PRO A 483 16.83 8.44 10.94
C PRO A 483 18.13 7.67 10.84
N ASP A 484 18.77 7.34 11.97
CA ASP A 484 20.06 6.66 11.99
C ASP A 484 20.08 5.37 11.21
N CYS A 485 21.08 5.20 10.35
CA CYS A 485 21.30 4.04 9.49
C CYS A 485 21.42 2.72 10.24
N TYR A 486 22.04 2.71 11.43
CA TYR A 486 22.17 1.50 12.24
C TYR A 486 20.81 1.08 12.84
N VAL A 487 19.99 2.07 13.22
CA VAL A 487 18.61 1.89 13.74
C VAL A 487 17.74 1.29 12.59
N GLY A 488 17.90 1.86 11.38
CA GLY A 488 17.18 1.45 10.17
C GLY A 488 17.46 0.02 9.77
N SER A 489 18.73 -0.38 9.89
CA SER A 489 19.26 -1.71 9.60
C SER A 489 18.65 -2.72 10.60
N PHE A 490 18.60 -2.34 11.88
CA PHE A 490 18.04 -3.12 12.97
C PHE A 490 16.55 -3.43 12.73
N ALA A 491 15.79 -2.42 12.25
CA ALA A 491 14.37 -2.51 11.92
C ALA A 491 14.12 -3.54 10.81
N ILE A 492 15.00 -3.56 9.78
CA ILE A 492 14.94 -4.52 8.68
C ILE A 492 15.25 -5.93 9.20
N LYS A 493 16.31 -6.05 10.04
CA LYS A 493 16.75 -7.30 10.65
C LYS A 493 15.56 -7.97 11.37
N SER A 494 14.77 -7.15 12.11
CA SER A 494 13.61 -7.61 12.85
C SER A 494 12.38 -7.89 11.95
N LEU A 495 12.29 -7.22 10.78
CA LEU A 495 11.20 -7.38 9.82
C LEU A 495 11.41 -8.58 8.89
N ARG A 496 12.62 -9.19 8.88
CA ARG A 496 12.93 -10.38 8.05
C ARG A 496 12.02 -11.58 8.37
N LYS A 497 11.47 -11.63 9.60
CA LYS A 497 10.58 -12.69 10.07
C LYS A 497 9.12 -12.52 9.58
N LEU A 498 8.81 -11.38 8.90
CA LEU A 498 7.50 -11.09 8.31
C LEU A 498 7.18 -12.21 7.34
N THR A 499 5.95 -12.69 7.36
CA THR A 499 5.52 -13.71 6.40
C THR A 499 5.21 -12.94 5.12
N ASP A 500 5.11 -13.65 3.99
CA ASP A 500 4.75 -13.03 2.71
C ASP A 500 3.36 -12.35 2.77
N ASP A 501 2.46 -12.86 3.64
CA ASP A 501 1.12 -12.31 3.85
C ASP A 501 1.15 -11.01 4.61
N GLU A 502 1.96 -10.94 5.67
CA GLU A 502 2.12 -9.74 6.49
C GLU A 502 2.84 -8.65 5.69
N LEU A 503 3.87 -9.03 4.92
CA LEU A 503 4.63 -8.12 4.08
C LEU A 503 3.71 -7.48 3.04
N PHE A 504 2.83 -8.28 2.41
CA PHE A 504 1.86 -7.81 1.42
C PHE A 504 0.85 -6.79 2.02
N GLN A 505 0.41 -7.03 3.27
CA GLN A 505 -0.51 -6.18 4.03
C GLN A 505 0.11 -4.79 4.33
N TYR A 506 1.43 -4.73 4.59
CA TYR A 506 2.15 -3.50 4.92
C TYR A 506 3.03 -2.94 3.77
N LEU A 507 3.03 -3.60 2.60
CA LEU A 507 3.82 -3.21 1.43
C LEU A 507 3.65 -1.74 1.03
N LEU A 508 2.39 -1.23 1.04
CA LEU A 508 2.07 0.17 0.71
C LEU A 508 2.85 1.12 1.61
N GLN A 509 2.87 0.82 2.92
CA GLN A 509 3.61 1.62 3.91
C GLN A 509 5.11 1.56 3.72
N LEU A 510 5.68 0.38 3.42
CA LEU A 510 7.14 0.22 3.23
C LEU A 510 7.66 0.93 1.99
N VAL A 511 6.81 1.13 0.96
CA VAL A 511 7.18 1.81 -0.28
C VAL A 511 7.21 3.31 -0.01
N GLN A 512 6.33 3.82 0.86
CA GLN A 512 6.31 5.25 1.20
C GLN A 512 7.52 5.66 2.00
N VAL A 513 8.05 4.74 2.81
CA VAL A 513 9.21 4.94 3.69
C VAL A 513 10.46 5.17 2.84
N LEU A 514 10.46 4.63 1.58
CA LEU A 514 11.54 4.83 0.61
C LEU A 514 11.72 6.32 0.33
N LYS A 515 10.63 7.11 0.46
CA LYS A 515 10.65 8.56 0.28
C LYS A 515 11.44 9.29 1.38
N TYR A 516 11.54 8.70 2.59
CA TYR A 516 12.31 9.28 3.69
C TYR A 516 13.79 8.97 3.59
N GLU A 517 14.16 7.89 2.86
CA GLU A 517 15.55 7.46 2.65
C GLU A 517 16.47 8.59 2.20
N SER A 518 17.72 8.50 2.61
CA SER A 518 18.72 9.52 2.34
C SER A 518 19.58 9.21 1.15
N TYR A 519 19.87 7.92 0.95
CA TYR A 519 20.72 7.42 -0.12
C TYR A 519 19.99 6.38 -0.96
N LEU A 520 20.49 6.14 -2.17
CA LEU A 520 19.89 5.19 -3.10
C LEU A 520 20.12 3.76 -2.65
N ASP A 521 21.36 3.41 -2.34
CA ASP A 521 21.63 2.07 -1.82
C ASP A 521 21.30 2.06 -0.32
N CYS A 522 20.20 1.38 0.05
CA CYS A 522 19.73 1.28 1.43
C CYS A 522 19.23 -0.13 1.72
N GLU A 523 19.10 -0.47 3.02
CA GLU A 523 18.68 -1.80 3.46
C GLU A 523 17.24 -2.11 3.09
N LEU A 524 16.36 -1.09 3.11
CA LEU A 524 14.94 -1.27 2.80
C LEU A 524 14.75 -1.69 1.36
N THR A 525 15.51 -1.08 0.41
CA THR A 525 15.48 -1.40 -1.01
C THR A 525 15.92 -2.85 -1.22
N LYS A 526 17.13 -3.21 -0.73
CA LYS A 526 17.66 -4.57 -0.81
C LYS A 526 16.63 -5.59 -0.24
N PHE A 527 15.98 -5.25 0.87
CA PHE A 527 14.93 -6.06 1.48
C PHE A 527 13.69 -6.19 0.57
N LEU A 528 13.12 -5.05 0.11
CA LEU A 528 11.96 -5.03 -0.78
C LEU A 528 12.22 -5.82 -2.04
N LEU A 529 13.37 -5.59 -2.71
CA LEU A 529 13.79 -6.26 -3.95
C LEU A 529 13.95 -7.78 -3.75
N GLY A 530 14.66 -8.19 -2.71
CA GLY A 530 14.88 -9.59 -2.38
C GLY A 530 13.60 -10.35 -2.11
N ARG A 531 12.66 -9.70 -1.39
CA ARG A 531 11.33 -10.26 -1.09
C ARG A 531 10.45 -10.31 -2.37
N ALA A 532 10.57 -9.29 -3.26
CA ALA A 532 9.84 -9.20 -4.51
C ALA A 532 10.30 -10.26 -5.51
N LEU A 533 11.60 -10.53 -5.54
CA LEU A 533 12.16 -11.54 -6.44
C LEU A 533 11.94 -12.96 -5.92
N ALA A 534 11.61 -13.13 -4.62
CA ALA A 534 11.29 -14.44 -4.05
C ALA A 534 9.76 -14.73 -4.07
N ASN A 535 8.93 -13.72 -4.40
CA ASN A 535 7.47 -13.86 -4.45
C ASN A 535 6.92 -12.98 -5.57
N ARG A 536 6.36 -13.60 -6.63
CA ARG A 536 5.84 -12.90 -7.83
C ARG A 536 4.66 -11.94 -7.56
N LYS A 537 3.85 -12.22 -6.53
CA LYS A 537 2.75 -11.35 -6.14
C LYS A 537 3.30 -10.11 -5.41
N ILE A 538 4.34 -10.28 -4.55
CA ILE A 538 5.03 -9.16 -3.90
C ILE A 538 5.66 -8.29 -5.00
N GLY A 539 6.33 -8.93 -5.96
CA GLY A 539 7.00 -8.27 -7.08
C GLY A 539 6.08 -7.43 -7.95
N HIS A 540 4.86 -7.95 -8.22
CA HIS A 540 3.81 -7.33 -9.00
C HIS A 540 3.36 -6.01 -8.39
N PHE A 541 3.06 -6.02 -7.08
CA PHE A 541 2.60 -4.86 -6.31
C PHE A 541 3.75 -3.92 -5.98
N LEU A 542 4.98 -4.42 -5.78
CA LEU A 542 6.13 -3.51 -5.63
C LEU A 542 6.24 -2.67 -6.92
N PHE A 543 6.17 -3.33 -8.10
CA PHE A 543 6.22 -2.66 -9.41
C PHE A 543 5.19 -1.57 -9.55
N TRP A 544 3.91 -1.93 -9.33
CA TRP A 544 2.79 -1.03 -9.46
C TRP A 544 2.78 0.12 -8.46
N HIS A 545 3.25 -0.09 -7.22
CA HIS A 545 3.33 1.03 -6.27
C HIS A 545 4.41 2.03 -6.73
N LEU A 546 5.52 1.54 -7.33
CA LEU A 546 6.62 2.40 -7.82
C LEU A 546 6.26 3.07 -9.14
N ARG A 547 5.68 2.33 -10.09
CA ARG A 547 5.29 2.82 -11.41
C ARG A 547 4.26 3.93 -11.33
N SER A 548 3.32 3.81 -10.40
CA SER A 548 2.27 4.81 -10.18
C SER A 548 2.78 6.18 -9.76
N GLU A 549 4.05 6.28 -9.32
CA GLU A 549 4.63 7.56 -8.87
C GLU A 549 5.74 8.09 -9.81
N MET A 550 5.87 7.54 -11.00
CA MET A 550 6.92 7.96 -11.94
C MET A 550 6.78 9.39 -12.49
N HIS A 551 5.58 9.96 -12.41
CA HIS A 551 5.27 11.32 -12.85
C HIS A 551 5.59 12.35 -11.75
N VAL A 552 6.02 11.87 -10.56
CA VAL A 552 6.37 12.69 -9.41
C VAL A 552 7.91 12.83 -9.44
N PRO A 553 8.42 14.04 -9.79
CA PRO A 553 9.89 14.24 -9.96
C PRO A 553 10.80 13.95 -8.76
N SER A 554 10.29 14.07 -7.51
CA SER A 554 11.11 13.79 -6.31
C SER A 554 11.40 12.30 -6.10
N VAL A 555 10.61 11.39 -6.73
CA VAL A 555 10.84 9.95 -6.55
C VAL A 555 11.19 9.19 -7.85
N ALA A 556 11.04 9.83 -9.03
CA ALA A 556 11.23 9.23 -10.35
C ALA A 556 12.54 8.52 -10.53
N LEU A 557 13.64 9.14 -10.08
CA LEU A 557 14.96 8.51 -10.20
C LEU A 557 15.06 7.25 -9.33
N ARG A 558 14.73 7.36 -8.03
CA ARG A 558 14.80 6.21 -7.11
C ARG A 558 13.88 5.08 -7.54
N PHE A 559 12.62 5.41 -7.83
CA PHE A 559 11.59 4.41 -8.21
C PHE A 559 11.93 3.75 -9.54
N GLY A 560 12.46 4.51 -10.51
CA GLY A 560 12.91 4.03 -11.81
C GLY A 560 14.10 3.10 -11.72
N LEU A 561 15.03 3.38 -10.81
CA LEU A 561 16.21 2.56 -10.53
C LEU A 561 15.85 1.23 -9.87
N ILE A 562 14.91 1.25 -8.92
CA ILE A 562 14.42 0.03 -8.24
C ILE A 562 13.71 -0.87 -9.27
N MET A 563 12.79 -0.28 -10.07
CA MET A 563 12.05 -1.02 -11.10
C MET A 563 13.00 -1.67 -12.12
N GLU A 564 14.06 -0.95 -12.52
CA GLU A 564 15.04 -1.47 -13.46
C GLU A 564 15.76 -2.71 -12.89
N ALA A 565 16.23 -2.63 -11.62
CA ALA A 565 16.90 -3.71 -10.89
C ALA A 565 15.97 -4.90 -10.77
N TYR A 566 14.66 -4.65 -10.51
CA TYR A 566 13.64 -5.68 -10.43
C TYR A 566 13.56 -6.45 -11.75
N CYS A 567 13.45 -5.75 -12.88
CA CYS A 567 13.41 -6.34 -14.23
C CYS A 567 14.61 -7.22 -14.57
N ARG A 568 15.83 -6.87 -14.05
CA ARG A 568 17.07 -7.63 -14.28
C ARG A 568 17.00 -8.99 -13.64
N GLY A 569 16.31 -9.07 -12.50
CA GLY A 569 16.11 -10.31 -11.78
C GLY A 569 14.85 -11.06 -12.19
N SER A 570 14.08 -10.49 -13.17
CA SER A 570 12.81 -11.03 -13.65
C SER A 570 12.46 -10.56 -15.06
N THR A 571 13.13 -11.15 -16.07
CA THR A 571 12.92 -10.87 -17.49
C THR A 571 11.50 -11.30 -17.94
N HIS A 572 11.04 -12.48 -17.50
CA HIS A 572 9.71 -12.95 -17.86
C HIS A 572 8.59 -12.07 -17.28
N HIS A 573 8.73 -11.66 -16.01
CA HIS A 573 7.74 -10.81 -15.35
C HIS A 573 7.67 -9.42 -16.00
N MET A 574 8.83 -8.89 -16.43
CA MET A 574 8.95 -7.63 -17.16
C MET A 574 8.01 -7.65 -18.38
N LYS A 575 8.00 -8.75 -19.14
CA LYS A 575 7.14 -8.96 -20.31
C LYS A 575 5.68 -9.05 -19.91
N VAL A 576 5.38 -9.74 -18.82
CA VAL A 576 4.03 -9.85 -18.27
C VAL A 576 3.50 -8.44 -17.89
N LEU A 577 4.32 -7.62 -17.21
CA LEU A 577 3.95 -6.26 -16.79
C LEU A 577 3.81 -5.27 -17.94
N MET A 578 4.56 -5.48 -19.06
CA MET A 578 4.51 -4.65 -20.28
C MET A 578 3.16 -4.86 -20.96
N LYS A 579 2.68 -6.11 -20.98
CA LYS A 579 1.37 -6.48 -21.49
C LYS A 579 0.25 -5.72 -20.69
N GLN A 580 0.44 -5.53 -19.37
CA GLN A 580 -0.49 -4.76 -18.53
C GLN A 580 -0.43 -3.26 -18.84
N GLY A 581 0.78 -2.73 -19.05
CA GLY A 581 1.03 -1.33 -19.44
C GLY A 581 0.47 -1.00 -20.81
N GLU A 582 0.52 -1.96 -21.76
CA GLU A 582 -0.04 -1.77 -23.11
C GLU A 582 -1.56 -1.63 -23.05
N ALA A 583 -2.25 -2.46 -22.23
CA ALA A 583 -3.71 -2.39 -22.05
C ALA A 583 -4.12 -1.08 -21.40
N LEU A 584 -3.40 -0.67 -20.34
CA LEU A 584 -3.67 0.55 -19.60
C LEU A 584 -3.47 1.79 -20.45
N SER A 585 -2.48 1.73 -21.38
CA SER A 585 -2.20 2.80 -22.34
C SER A 585 -3.38 2.93 -23.31
N LYS A 586 -3.92 1.80 -23.80
CA LYS A 586 -5.08 1.76 -24.68
C LYS A 586 -6.35 2.20 -23.97
N LEU A 587 -6.49 1.92 -22.65
CA LEU A 587 -7.68 2.34 -21.87
C LEU A 587 -7.68 3.86 -21.65
N LYS A 588 -6.50 4.45 -21.58
CA LYS A 588 -6.33 5.88 -21.43
C LYS A 588 -6.84 6.59 -22.69
N ALA A 589 -6.38 6.13 -23.87
CA ALA A 589 -6.82 6.71 -25.15
C ALA A 589 -8.32 6.57 -25.32
N LEU A 590 -8.88 5.39 -24.99
CA LEU A 590 -10.32 5.09 -25.06
C LEU A 590 -11.15 6.01 -24.16
N ASN A 591 -10.67 6.24 -22.91
CA ASN A 591 -11.33 7.11 -21.95
C ASN A 591 -11.30 8.56 -22.40
N ASP A 592 -10.18 9.01 -23.03
CA ASP A 592 -10.03 10.36 -23.62
C ASP A 592 -11.06 10.59 -24.71
N PHE A 593 -11.31 9.58 -25.55
CA PHE A 593 -12.33 9.63 -26.59
C PHE A 593 -13.75 9.76 -25.97
N VAL A 594 -14.08 8.89 -24.99
CA VAL A 594 -15.36 8.84 -24.26
C VAL A 594 -15.66 10.20 -23.60
N LYS A 595 -14.65 10.82 -22.95
CA LYS A 595 -14.77 12.15 -22.32
C LYS A 595 -15.23 13.19 -23.35
N VAL A 596 -14.56 13.21 -24.53
CA VAL A 596 -14.86 14.11 -25.66
C VAL A 596 -16.27 13.81 -26.23
N SER A 597 -16.50 12.56 -26.64
CA SER A 597 -17.75 12.10 -27.22
C SER A 597 -18.98 12.29 -26.30
N SER A 598 -18.81 12.22 -24.98
CA SER A 598 -19.92 12.38 -24.02
C SER A 598 -20.45 13.83 -23.92
N GLN A 599 -19.64 14.81 -24.33
CA GLN A 599 -19.98 16.23 -24.31
C GLN A 599 -20.59 16.66 -25.66
N LYS A 600 -20.42 15.83 -26.71
CA LYS A 600 -20.88 16.12 -28.07
C LYS A 600 -22.09 15.30 -28.54
N THR A 601 -22.43 14.17 -27.88
CA THR A 601 -23.55 13.35 -28.33
C THR A 601 -24.23 12.58 -27.18
N THR A 602 -25.20 11.70 -27.50
CA THR A 602 -25.95 10.89 -26.54
C THR A 602 -25.11 9.69 -26.10
N LYS A 603 -25.39 9.15 -24.89
CA LYS A 603 -24.67 7.98 -24.33
C LYS A 603 -24.78 6.76 -25.26
N PRO A 604 -25.95 6.35 -25.84
CA PRO A 604 -25.96 5.19 -26.75
C PRO A 604 -25.06 5.34 -27.99
N GLN A 605 -24.76 6.59 -28.40
CA GLN A 605 -23.89 6.89 -29.52
C GLN A 605 -22.43 6.77 -29.11
N THR A 606 -22.06 7.34 -27.93
CA THR A 606 -20.70 7.25 -27.40
C THR A 606 -20.33 5.77 -27.15
N LYS A 607 -21.24 5.01 -26.53
CA LYS A 607 -21.09 3.58 -26.21
C LYS A 607 -20.80 2.75 -27.46
N GLU A 608 -21.60 2.93 -28.53
CA GLU A 608 -21.42 2.24 -29.81
C GLU A 608 -20.08 2.56 -30.49
N MET A 609 -19.62 3.82 -30.40
CA MET A 609 -18.33 4.15 -30.99
C MET A 609 -17.16 3.77 -30.09
N MET A 610 -17.40 3.67 -28.76
CA MET A 610 -16.43 3.14 -27.79
C MET A 610 -16.25 1.68 -28.18
N HIS A 611 -17.37 0.99 -28.47
CA HIS A 611 -17.38 -0.39 -28.91
C HIS A 611 -16.69 -0.53 -30.23
N MET A 612 -16.93 0.42 -31.16
CA MET A 612 -16.28 0.39 -32.48
C MET A 612 -14.78 0.57 -32.36
N CYS A 613 -14.32 1.45 -31.44
CA CYS A 613 -12.90 1.70 -31.16
C CYS A 613 -12.26 0.46 -30.56
N MET A 614 -12.99 -0.23 -29.67
CA MET A 614 -12.52 -1.45 -28.99
C MET A 614 -12.36 -2.63 -29.92
N ARG A 615 -13.25 -2.74 -30.94
CA ARG A 615 -13.27 -3.85 -31.90
C ARG A 615 -12.12 -3.79 -32.91
N GLN A 616 -11.32 -2.71 -32.90
CA GLN A 616 -10.12 -2.59 -33.72
C GLN A 616 -9.12 -3.62 -33.20
N GLU A 617 -8.37 -4.25 -34.12
CA GLU A 617 -7.39 -5.32 -33.85
C GLU A 617 -6.36 -4.95 -32.77
N THR A 618 -5.78 -3.77 -32.86
CA THR A 618 -4.79 -3.25 -31.89
C THR A 618 -5.40 -3.17 -30.49
N TYR A 619 -6.68 -2.76 -30.38
CA TYR A 619 -7.38 -2.69 -29.09
C TYR A 619 -7.77 -4.06 -28.62
N MET A 620 -8.24 -4.96 -29.53
CA MET A 620 -8.66 -6.34 -29.20
C MET A 620 -7.52 -7.16 -28.63
N GLU A 621 -6.32 -6.93 -29.16
CA GLU A 621 -5.07 -7.56 -28.80
C GLU A 621 -4.48 -6.94 -27.55
N ALA A 622 -4.41 -5.59 -27.45
CA ALA A 622 -3.87 -4.96 -26.26
C ALA A 622 -4.73 -5.19 -25.01
N LEU A 623 -6.05 -5.15 -25.15
CA LEU A 623 -6.97 -5.33 -24.02
C LEU A 623 -7.26 -6.76 -23.64
N SER A 624 -6.77 -7.73 -24.41
CA SER A 624 -7.06 -9.13 -24.11
C SER A 624 -5.84 -9.89 -23.64
N HIS A 625 -6.03 -10.99 -22.88
CA HIS A 625 -5.04 -11.97 -22.41
C HIS A 625 -3.91 -11.38 -21.59
N LEU A 626 -4.26 -10.81 -20.44
CA LEU A 626 -3.31 -10.24 -19.50
C LEU A 626 -3.65 -10.72 -18.11
N GLN A 627 -2.70 -10.56 -17.18
CA GLN A 627 -2.89 -10.76 -15.75
C GLN A 627 -3.47 -9.46 -15.25
N SER A 628 -4.41 -9.53 -14.32
CA SER A 628 -5.00 -8.29 -13.84
C SER A 628 -4.02 -7.50 -12.99
N PRO A 629 -3.83 -6.16 -13.24
CA PRO A 629 -2.95 -5.38 -12.35
C PRO A 629 -3.52 -5.32 -10.94
N LEU A 630 -4.84 -5.52 -10.78
CA LEU A 630 -5.49 -5.55 -9.46
C LEU A 630 -5.16 -6.78 -8.65
N ASP A 631 -4.97 -7.89 -9.33
CA ASP A 631 -4.71 -9.20 -8.74
C ASP A 631 -4.06 -10.05 -9.80
N PRO A 632 -2.74 -10.36 -9.71
CA PRO A 632 -2.09 -11.17 -10.77
C PRO A 632 -2.66 -12.59 -10.93
N SER A 633 -3.35 -13.11 -9.89
CA SER A 633 -3.99 -14.43 -9.97
C SER A 633 -5.28 -14.41 -10.83
N THR A 634 -5.85 -13.19 -11.10
CA THR A 634 -7.02 -13.02 -11.95
C THR A 634 -6.56 -12.76 -13.38
N LEU A 635 -6.98 -13.62 -14.30
CA LEU A 635 -6.67 -13.55 -15.71
C LEU A 635 -7.82 -12.90 -16.49
N LEU A 636 -7.51 -11.75 -17.14
CA LEU A 636 -8.45 -10.98 -17.95
C LEU A 636 -8.21 -11.46 -19.35
N GLU A 637 -8.97 -12.50 -19.79
CA GLU A 637 -8.81 -13.16 -21.10
C GLU A 637 -9.45 -12.40 -22.25
N GLU A 638 -10.67 -12.77 -22.69
CA GLU A 638 -11.33 -12.13 -23.82
C GLU A 638 -12.12 -10.98 -23.32
N VAL A 639 -11.93 -9.83 -23.94
CA VAL A 639 -12.65 -8.62 -23.60
C VAL A 639 -14.10 -8.73 -24.16
N CYS A 640 -15.11 -8.47 -23.30
CA CYS A 640 -16.50 -8.57 -23.71
CA CYS A 640 -16.52 -8.54 -23.68
C CYS A 640 -17.03 -7.18 -24.09
N VAL A 641 -16.68 -6.75 -25.32
CA VAL A 641 -17.01 -5.44 -25.92
C VAL A 641 -18.47 -5.02 -25.69
N GLU A 642 -19.44 -5.92 -25.98
CA GLU A 642 -20.88 -5.66 -25.84
C GLU A 642 -21.27 -5.26 -24.43
N GLN A 643 -20.57 -5.85 -23.46
CA GLN A 643 -20.78 -5.59 -22.04
C GLN A 643 -20.00 -4.40 -21.52
N CYS A 644 -19.11 -3.83 -22.34
CA CYS A 644 -18.33 -2.70 -21.90
C CYS A 644 -19.11 -1.41 -21.99
N THR A 645 -18.88 -0.52 -21.04
CA THR A 645 -19.58 0.77 -21.01
C THR A 645 -18.73 1.80 -20.24
N PHE A 646 -19.36 2.87 -19.75
CA PHE A 646 -18.74 3.92 -18.97
C PHE A 646 -19.80 4.47 -18.03
N MET A 647 -19.36 5.13 -16.94
CA MET A 647 -20.24 5.73 -15.93
C MET A 647 -20.50 7.19 -16.20
N ASP A 648 -21.59 7.72 -15.66
CA ASP A 648 -22.02 9.10 -15.92
C ASP A 648 -21.29 10.19 -15.13
N SER A 649 -20.46 9.81 -14.13
CA SER A 649 -19.68 10.78 -13.33
C SER A 649 -18.69 11.59 -14.17
N LYS A 650 -18.17 12.69 -13.59
CA LYS A 650 -17.27 13.68 -14.20
C LYS A 650 -16.19 13.12 -15.11
N MET A 651 -15.39 12.17 -14.61
CA MET A 651 -14.27 11.61 -15.38
C MET A 651 -14.70 10.48 -16.34
N LYS A 652 -16.03 10.20 -16.43
CA LYS A 652 -16.61 9.17 -17.30
C LYS A 652 -15.80 7.82 -17.19
N PRO A 653 -15.73 7.21 -15.99
CA PRO A 653 -14.93 5.98 -15.81
C PRO A 653 -15.40 4.85 -16.70
N LEU A 654 -14.46 4.05 -17.24
CA LEU A 654 -14.77 2.92 -18.11
C LEU A 654 -15.12 1.66 -17.34
N TRP A 655 -16.11 0.92 -17.85
CA TRP A 655 -16.57 -0.35 -17.28
C TRP A 655 -16.17 -1.39 -18.28
N ILE A 656 -15.12 -2.17 -17.98
CA ILE A 656 -14.61 -3.16 -18.92
C ILE A 656 -14.84 -4.56 -18.39
N MET A 657 -15.65 -5.36 -19.12
CA MET A 657 -15.98 -6.74 -18.79
C MET A 657 -15.13 -7.74 -19.56
N TYR A 658 -14.86 -8.89 -18.95
CA TYR A 658 -14.05 -9.97 -19.50
C TYR A 658 -14.72 -11.34 -19.33
N SER A 659 -14.32 -12.33 -20.15
CA SER A 659 -14.80 -13.70 -20.03
C SER A 659 -13.66 -14.66 -20.34
N SER A 660 -13.69 -15.85 -19.73
CA SER A 660 -12.68 -16.89 -19.91
C SER A 660 -13.36 -18.25 -19.97
N GLU A 661 -13.24 -18.92 -21.14
CA GLU A 661 -13.79 -20.26 -21.46
C GLU A 661 -13.27 -21.28 -20.43
N GLU A 662 -11.95 -21.28 -20.20
CA GLU A 662 -11.26 -22.17 -19.27
C GLU A 662 -11.75 -22.01 -17.84
N ALA A 663 -11.98 -20.76 -17.40
CA ALA A 663 -12.45 -20.43 -16.05
C ALA A 663 -13.96 -20.63 -15.87
N GLY A 664 -14.68 -20.66 -16.99
CA GLY A 664 -16.14 -20.82 -17.02
C GLY A 664 -16.85 -19.59 -16.51
N SER A 665 -17.21 -19.60 -15.21
CA SER A 665 -17.91 -18.50 -14.54
C SER A 665 -16.97 -17.59 -13.75
N ALA A 666 -15.90 -18.14 -13.13
CA ALA A 666 -14.92 -17.37 -12.35
C ALA A 666 -14.10 -16.40 -13.22
N GLY A 667 -14.17 -16.60 -14.54
CA GLY A 667 -13.51 -15.79 -15.56
C GLY A 667 -14.39 -14.63 -16.01
N ASN A 668 -15.62 -14.54 -15.49
CA ASN A 668 -16.52 -13.43 -15.77
C ASN A 668 -16.16 -12.37 -14.75
N VAL A 669 -15.20 -11.53 -15.13
CA VAL A 669 -14.62 -10.51 -14.25
C VAL A 669 -14.67 -9.13 -14.87
N GLY A 670 -14.68 -8.10 -14.04
CA GLY A 670 -14.70 -6.74 -14.53
C GLY A 670 -13.68 -5.83 -13.87
N ILE A 671 -13.28 -4.79 -14.63
CA ILE A 671 -12.40 -3.74 -14.13
C ILE A 671 -12.99 -2.38 -14.45
N ILE A 672 -12.80 -1.42 -13.53
CA ILE A 672 -13.21 -0.02 -13.68
C ILE A 672 -11.93 0.75 -13.92
N PHE A 673 -11.82 1.39 -15.10
CA PHE A 673 -10.69 2.23 -15.41
C PHE A 673 -11.08 3.66 -15.06
N LYS A 674 -10.31 4.30 -14.18
CA LYS A 674 -10.58 5.67 -13.77
C LYS A 674 -9.39 6.56 -14.09
N ASN A 675 -9.64 7.69 -14.75
CA ASN A 675 -8.60 8.65 -15.09
C ASN A 675 -9.06 10.11 -14.84
N GLY A 676 -8.34 10.82 -13.99
CA GLY A 676 -8.63 12.20 -13.66
C GLY A 676 -8.62 12.52 -12.18
N ASP A 677 -8.89 11.51 -11.35
CA ASP A 677 -8.87 11.57 -9.88
C ASP A 677 -7.70 10.75 -9.35
N ASP A 678 -7.19 11.13 -8.19
CA ASP A 678 -6.11 10.45 -7.47
C ASP A 678 -6.78 9.29 -6.70
N LEU A 679 -6.26 8.06 -6.86
CA LEU A 679 -6.88 6.92 -6.19
C LEU A 679 -6.14 6.44 -4.96
N ARG A 680 -5.06 7.15 -4.55
CA ARG A 680 -4.19 6.80 -3.42
C ARG A 680 -4.91 6.70 -2.10
N GLN A 681 -5.84 7.62 -1.82
CA GLN A 681 -6.60 7.63 -0.58
C GLN A 681 -7.61 6.51 -0.52
N ASP A 682 -8.30 6.24 -1.65
CA ASP A 682 -9.28 5.15 -1.76
C ASP A 682 -8.58 3.83 -1.49
N MET A 683 -7.38 3.65 -2.09
CA MET A 683 -6.56 2.47 -1.91
C MET A 683 -6.20 2.31 -0.42
N LEU A 684 -5.69 3.37 0.22
CA LEU A 684 -5.34 3.35 1.65
C LEU A 684 -6.54 2.97 2.50
N THR A 685 -7.69 3.60 2.23
CA THR A 685 -8.94 3.36 2.95
C THR A 685 -9.38 1.92 2.82
N LEU A 686 -9.38 1.39 1.62
CA LEU A 686 -9.75 0.00 1.39
C LEU A 686 -8.77 -1.02 1.99
N GLN A 687 -7.46 -0.68 2.05
CA GLN A 687 -6.44 -1.53 2.67
C GLN A 687 -6.65 -1.58 4.18
N MET A 688 -7.00 -0.45 4.78
CA MET A 688 -7.29 -0.33 6.21
C MET A 688 -8.54 -1.10 6.61
N ILE A 689 -9.56 -1.13 5.75
CA ILE A 689 -10.80 -1.89 5.97
C ILE A 689 -10.48 -3.39 5.82
N GLN A 690 -9.67 -3.73 4.80
CA GLN A 690 -9.22 -5.10 4.56
C GLN A 690 -8.41 -5.64 5.77
N LEU A 691 -7.55 -4.80 6.39
CA LEU A 691 -6.79 -5.13 7.60
C LEU A 691 -7.74 -5.42 8.76
N MET A 692 -8.77 -4.56 8.97
CA MET A 692 -9.81 -4.73 9.98
C MET A 692 -10.48 -6.08 9.84
N ASP A 693 -10.87 -6.45 8.60
CA ASP A 693 -11.48 -7.73 8.24
C ASP A 693 -10.55 -8.91 8.57
N VAL A 694 -9.22 -8.73 8.39
CA VAL A 694 -8.20 -9.75 8.67
C VAL A 694 -8.16 -10.03 10.18
N LEU A 695 -8.19 -8.93 10.95
CA LEU A 695 -8.14 -8.90 12.39
C LEU A 695 -9.38 -9.45 13.05
N TRP A 696 -10.56 -9.23 12.43
CA TRP A 696 -11.81 -9.77 12.94
C TRP A 696 -11.88 -11.27 12.68
N LYS A 697 -11.40 -11.72 11.50
CA LYS A 697 -11.35 -13.11 11.08
C LYS A 697 -10.38 -13.95 11.91
N GLN A 698 -9.27 -13.31 12.38
CA GLN A 698 -8.26 -13.91 13.26
C GLN A 698 -8.82 -14.08 14.69
N GLU A 699 -10.02 -13.53 14.97
CA GLU A 699 -10.71 -13.62 16.26
C GLU A 699 -11.99 -14.47 16.13
N GLY A 700 -12.20 -15.03 14.95
CA GLY A 700 -13.34 -15.87 14.63
C GLY A 700 -14.56 -15.14 14.13
N LEU A 701 -14.46 -13.79 14.01
CA LEU A 701 -15.55 -12.91 13.56
C LEU A 701 -15.53 -12.60 12.05
N ASP A 702 -16.51 -13.12 11.33
CA ASP A 702 -16.66 -12.88 9.90
C ASP A 702 -17.83 -11.90 9.61
N LEU A 703 -17.50 -10.60 9.52
CA LEU A 703 -18.47 -9.52 9.27
C LEU A 703 -18.85 -9.34 7.80
N ARG A 704 -18.56 -10.32 6.95
CA ARG A 704 -18.93 -10.41 5.53
C ARG A 704 -18.53 -9.17 4.67
N MET A 705 -17.28 -8.68 4.88
CA MET A 705 -16.70 -7.51 4.17
C MET A 705 -16.47 -7.76 2.67
N THR A 706 -16.44 -6.68 1.83
CA THR A 706 -16.20 -6.81 0.38
C THR A 706 -14.85 -6.13 0.06
N PRO A 707 -13.70 -6.78 0.31
CA PRO A 707 -12.41 -6.10 0.08
C PRO A 707 -12.00 -6.07 -1.39
N TYR A 708 -12.70 -5.25 -2.20
CA TYR A 708 -12.43 -5.11 -3.63
C TYR A 708 -11.16 -4.31 -3.93
N GLY A 709 -10.45 -4.71 -4.97
CA GLY A 709 -9.22 -4.05 -5.39
C GLY A 709 -9.39 -2.62 -5.86
N CYS A 710 -8.40 -1.80 -5.57
CA CYS A 710 -8.28 -0.40 -5.98
C CYS A 710 -6.79 -0.20 -6.09
N LEU A 711 -6.33 0.17 -7.29
CA LEU A 711 -4.90 0.33 -7.51
C LEU A 711 -4.56 1.49 -8.42
N PRO A 712 -3.86 2.52 -7.87
CA PRO A 712 -3.31 3.58 -8.73
C PRO A 712 -2.25 2.97 -9.65
N THR A 713 -2.30 3.30 -10.95
CA THR A 713 -1.36 2.75 -11.93
C THR A 713 -0.47 3.84 -12.51
N GLY A 714 -1.00 5.06 -12.63
CA GLY A 714 -0.26 6.18 -13.18
C GLY A 714 -0.67 7.50 -12.60
N ASP A 715 -0.33 8.59 -13.28
CA ASP A 715 -0.69 9.97 -12.92
C ASP A 715 -2.22 10.08 -12.97
N ARG A 716 -2.87 10.25 -11.79
CA ARG A 716 -4.33 10.34 -11.62
C ARG A 716 -5.04 9.24 -12.45
N THR A 717 -4.45 8.05 -12.41
CA THR A 717 -4.93 6.89 -13.12
C THR A 717 -4.83 5.68 -12.21
N GLY A 718 -5.82 4.83 -12.32
CA GLY A 718 -5.86 3.57 -11.60
C GLY A 718 -7.01 2.70 -12.02
N LEU A 719 -7.13 1.55 -11.34
CA LEU A 719 -8.13 0.55 -11.56
C LEU A 719 -8.86 0.25 -10.31
N ILE A 720 -10.12 -0.18 -10.47
CA ILE A 720 -11.02 -0.64 -9.42
C ILE A 720 -11.57 -2.00 -9.90
N GLU A 721 -11.59 -2.96 -9.02
CA GLU A 721 -12.16 -4.28 -9.33
C GLU A 721 -13.68 -4.17 -9.26
N VAL A 722 -14.36 -4.62 -10.31
CA VAL A 722 -15.82 -4.66 -10.35
C VAL A 722 -16.34 -5.72 -9.37
N VAL A 723 -17.28 -5.31 -8.50
CA VAL A 723 -18.03 -6.22 -7.64
C VAL A 723 -19.34 -6.47 -8.42
N LEU A 724 -19.47 -7.66 -8.98
CA LEU A 724 -20.64 -7.99 -9.79
C LEU A 724 -21.83 -8.30 -8.93
N HIS A 725 -23.06 -8.22 -9.51
CA HIS A 725 -24.36 -8.48 -8.85
C HIS A 725 -24.53 -7.54 -7.68
N SER A 726 -24.22 -6.27 -7.92
CA SER A 726 -24.32 -5.22 -6.92
C SER A 726 -24.87 -3.93 -7.53
N ASP A 727 -25.41 -3.04 -6.69
CA ASP A 727 -25.96 -1.75 -7.11
C ASP A 727 -25.88 -0.79 -5.96
N THR A 728 -25.96 0.50 -6.27
CA THR A 728 -25.95 1.55 -5.25
C THR A 728 -27.31 1.55 -4.54
N ILE A 729 -27.32 2.04 -3.30
CA ILE A 729 -28.54 2.13 -2.51
C ILE A 729 -29.51 3.11 -3.20
N ALA A 730 -28.97 4.23 -3.77
CA ALA A 730 -29.71 5.24 -4.50
C ALA A 730 -30.45 4.66 -5.68
N ASN A 731 -29.83 3.73 -6.43
CA ASN A 731 -30.44 3.10 -7.59
C ASN A 731 -31.59 2.17 -7.21
N ILE A 732 -31.45 1.46 -6.09
CA ILE A 732 -32.46 0.54 -5.55
C ILE A 732 -33.65 1.38 -5.02
N GLN A 733 -33.34 2.50 -4.38
CA GLN A 733 -34.30 3.45 -3.83
C GLN A 733 -35.00 4.33 -4.89
N LEU A 734 -34.53 4.32 -6.17
CA LEU A 734 -35.17 5.07 -7.27
C LEU A 734 -36.58 4.59 -7.55
N ASN A 735 -36.90 3.35 -7.09
CA ASN A 735 -38.21 2.70 -7.15
C ASN A 735 -38.80 2.57 -8.57
N LYS A 736 -37.94 2.25 -9.55
CA LYS A 736 -38.32 2.08 -10.97
C LYS A 736 -39.47 1.07 -11.17
N SER A 737 -40.44 1.41 -12.03
CA SER A 737 -41.64 0.62 -12.34
C SER A 737 -41.36 -0.65 -13.17
N ASN A 738 -42.33 -1.61 -13.18
CA ASN A 738 -42.34 -2.91 -13.88
C ASN A 738 -41.33 -3.95 -13.29
N MET A 739 -40.53 -3.54 -12.29
CA MET A 739 -39.54 -4.39 -11.62
C MET A 739 -40.20 -5.20 -10.49
N ALA A 740 -39.43 -6.15 -9.89
CA ALA A 740 -39.90 -7.01 -8.79
C ALA A 740 -39.82 -6.35 -7.39
N ALA A 741 -39.11 -5.21 -7.27
CA ALA A 741 -38.92 -4.48 -6.02
C ALA A 741 -39.89 -3.27 -5.80
N THR A 742 -41.09 -3.30 -6.46
CA THR A 742 -42.14 -2.27 -6.39
C THR A 742 -42.60 -2.06 -4.92
N ALA A 743 -42.23 -0.89 -4.35
CA ALA A 743 -42.50 -0.55 -2.95
C ALA A 743 -43.54 0.56 -2.76
N ALA A 744 -44.42 0.38 -1.76
CA ALA A 744 -45.48 1.30 -1.35
C ALA A 744 -44.85 2.44 -0.59
N PHE A 745 -43.84 2.13 0.24
CA PHE A 745 -43.10 3.06 1.06
C PHE A 745 -41.61 2.94 0.75
N ASN A 746 -40.88 4.07 0.74
CA ASN A 746 -39.45 4.18 0.49
C ASN A 746 -38.63 3.14 1.31
N LYS A 747 -38.93 3.04 2.62
CA LYS A 747 -38.32 2.11 3.58
C LYS A 747 -38.29 0.63 3.13
N ASP A 748 -39.32 0.22 2.37
CA ASP A 748 -39.53 -1.12 1.85
C ASP A 748 -38.70 -1.47 0.60
N ALA A 749 -38.16 -0.46 -0.14
CA ALA A 749 -37.39 -0.71 -1.38
C ALA A 749 -36.19 -1.66 -1.22
N LEU A 750 -35.33 -1.42 -0.18
CA LEU A 750 -34.15 -2.24 0.14
C LEU A 750 -34.52 -3.70 0.39
N LEU A 751 -35.49 -3.93 1.29
CA LEU A 751 -35.97 -5.26 1.67
C LEU A 751 -36.68 -5.96 0.51
N ASN A 752 -37.40 -5.20 -0.33
CA ASN A 752 -38.08 -5.73 -1.52
C ASN A 752 -37.08 -6.18 -2.57
N TRP A 753 -35.95 -5.44 -2.70
CA TRP A 753 -34.89 -5.79 -3.63
C TRP A 753 -34.25 -7.08 -3.16
N LEU A 754 -33.96 -7.21 -1.85
CA LEU A 754 -33.37 -8.41 -1.25
C LEU A 754 -34.23 -9.63 -1.44
N LYS A 755 -35.56 -9.51 -1.17
CA LYS A 755 -36.59 -10.55 -1.32
C LYS A 755 -36.66 -11.08 -2.75
N SER A 756 -36.49 -10.20 -3.76
CA SER A 756 -36.50 -10.58 -5.18
C SER A 756 -35.25 -11.34 -5.62
N LYS A 757 -34.09 -11.03 -5.01
CA LYS A 757 -32.80 -11.67 -5.30
C LYS A 757 -32.57 -12.91 -4.41
N ASN A 758 -33.25 -12.97 -3.24
CA ASN A 758 -33.17 -14.06 -2.26
C ASN A 758 -34.58 -14.57 -1.89
N PRO A 759 -35.23 -15.39 -2.74
CA PRO A 759 -36.57 -15.88 -2.37
C PRO A 759 -36.55 -17.09 -1.42
N GLY A 760 -37.54 -17.12 -0.53
CA GLY A 760 -37.75 -18.21 0.44
C GLY A 760 -36.75 -18.29 1.56
N GLU A 761 -36.09 -19.46 1.69
CA GLU A 761 -35.09 -19.72 2.73
C GLU A 761 -33.77 -18.92 2.51
N ALA A 762 -33.58 -18.38 1.28
CA ALA A 762 -32.44 -17.57 0.91
C ALA A 762 -32.50 -16.17 1.55
N LEU A 763 -33.73 -15.66 1.83
CA LEU A 763 -33.97 -14.34 2.42
C LEU A 763 -33.33 -14.15 3.79
N ASP A 764 -33.50 -15.13 4.70
CA ASP A 764 -32.93 -15.03 6.05
C ASP A 764 -31.40 -14.92 6.02
N ARG A 765 -30.75 -15.61 5.04
CA ARG A 765 -29.30 -15.60 4.83
C ARG A 765 -28.84 -14.19 4.43
N ALA A 766 -29.54 -13.56 3.47
CA ALA A 766 -29.32 -12.19 2.97
C ALA A 766 -29.38 -11.14 4.09
N ILE A 767 -30.38 -11.25 4.99
CA ILE A 767 -30.59 -10.36 6.12
C ILE A 767 -29.41 -10.46 7.08
N GLU A 768 -28.91 -11.69 7.31
CA GLU A 768 -27.74 -11.93 8.17
C GLU A 768 -26.47 -11.29 7.53
N GLU A 769 -26.28 -11.45 6.20
CA GLU A 769 -25.15 -10.86 5.45
C GLU A 769 -25.21 -9.34 5.56
N PHE A 770 -26.41 -8.76 5.37
CA PHE A 770 -26.66 -7.32 5.47
C PHE A 770 -26.28 -6.80 6.83
N THR A 771 -26.74 -7.50 7.90
CA THR A 771 -26.51 -7.10 9.29
C THR A 771 -25.04 -7.15 9.69
N LEU A 772 -24.30 -8.21 9.32
CA LEU A 772 -22.89 -8.40 9.66
C LEU A 772 -22.01 -7.34 8.97
N SER A 773 -22.16 -7.21 7.63
CA SER A 773 -21.47 -6.21 6.79
C SER A 773 -21.82 -4.80 7.20
N CYS A 774 -23.09 -4.55 7.62
CA CYS A 774 -23.49 -3.22 8.08
C CYS A 774 -22.73 -2.84 9.35
N ALA A 775 -22.62 -3.77 10.32
CA ALA A 775 -21.86 -3.58 11.56
C ALA A 775 -20.39 -3.29 11.29
N GLY A 776 -19.78 -4.03 10.35
CA GLY A 776 -18.39 -3.86 9.92
C GLY A 776 -18.13 -2.48 9.35
N TYR A 777 -18.96 -2.08 8.36
CA TYR A 777 -18.79 -0.75 7.75
C TYR A 777 -19.20 0.39 8.69
N CYS A 778 -20.13 0.15 9.65
CA CYS A 778 -20.48 1.16 10.65
C CYS A 778 -19.29 1.51 11.51
N VAL A 779 -18.54 0.48 11.94
CA VAL A 779 -17.35 0.59 12.78
C VAL A 779 -16.18 1.13 11.97
N ALA A 780 -15.92 0.52 10.79
CA ALA A 780 -14.85 0.96 9.87
C ALA A 780 -14.98 2.44 9.51
N THR A 781 -16.18 2.89 9.04
CA THR A 781 -16.38 4.32 8.70
C THR A 781 -16.29 5.24 9.93
N TYR A 782 -16.70 4.76 11.13
CA TYR A 782 -16.57 5.60 12.34
C TYR A 782 -15.08 5.73 12.78
N VAL A 783 -14.36 4.59 12.83
CA VAL A 783 -12.94 4.53 13.21
C VAL A 783 -12.07 5.33 12.24
N LEU A 784 -12.31 5.17 10.92
CA LEU A 784 -11.57 5.87 9.88
C LEU A 784 -12.03 7.31 9.62
N GLY A 785 -13.18 7.69 10.19
CA GLY A 785 -13.72 9.04 10.07
C GLY A 785 -14.16 9.41 8.69
N ILE A 786 -14.90 8.50 8.03
CA ILE A 786 -15.39 8.66 6.67
C ILE A 786 -16.75 9.35 6.68
N GLY A 787 -16.75 10.59 6.22
CA GLY A 787 -17.93 11.44 6.11
C GLY A 787 -18.38 11.52 4.67
N ASP A 788 -19.39 12.38 4.38
CA ASP A 788 -20.02 12.55 3.06
C ASP A 788 -20.56 11.20 2.55
N ARG A 789 -21.28 10.49 3.45
CA ARG A 789 -21.88 9.20 3.18
C ARG A 789 -23.33 9.39 2.81
N HIS A 790 -23.69 8.99 1.60
CA HIS A 790 -25.04 9.06 1.05
C HIS A 790 -25.38 7.78 0.29
N SER A 791 -26.65 7.63 -0.13
CA SER A 791 -27.16 6.48 -0.85
C SER A 791 -26.43 6.21 -2.19
N ASP A 792 -25.73 7.21 -2.75
CA ASP A 792 -25.02 7.09 -4.03
C ASP A 792 -23.62 6.44 -3.89
N ASN A 793 -23.02 6.47 -2.68
CA ASN A 793 -21.70 5.88 -2.45
C ASN A 793 -21.72 4.64 -1.49
N ILE A 794 -22.93 4.06 -1.27
CA ILE A 794 -23.12 2.82 -0.50
C ILE A 794 -23.70 1.80 -1.48
N MET A 795 -23.14 0.59 -1.54
CA MET A 795 -23.56 -0.47 -2.43
C MET A 795 -24.02 -1.71 -1.67
N ILE A 796 -24.83 -2.56 -2.34
CA ILE A 796 -25.36 -3.80 -1.78
C ILE A 796 -25.16 -4.86 -2.84
N ARG A 797 -24.82 -6.07 -2.43
CA ARG A 797 -24.71 -7.21 -3.32
C ARG A 797 -26.04 -7.94 -3.27
N GLU A 798 -26.34 -8.74 -4.32
CA GLU A 798 -27.57 -9.52 -4.37
C GLU A 798 -27.65 -10.52 -3.21
N SER A 799 -26.50 -10.79 -2.55
CA SER A 799 -26.34 -11.68 -1.40
C SER A 799 -26.75 -11.00 -0.10
N GLY A 800 -26.94 -9.68 -0.14
CA GLY A 800 -27.30 -8.89 1.02
C GLY A 800 -26.17 -8.08 1.61
N GLN A 801 -24.93 -8.36 1.22
CA GLN A 801 -23.73 -7.68 1.72
C GLN A 801 -23.70 -6.20 1.33
N LEU A 802 -23.45 -5.34 2.30
CA LEU A 802 -23.37 -3.91 2.14
C LEU A 802 -21.87 -3.54 2.05
N PHE A 803 -21.52 -2.57 1.19
CA PHE A 803 -20.14 -2.07 1.07
C PHE A 803 -20.11 -0.60 0.67
N HIS A 804 -18.93 0.02 0.79
CA HIS A 804 -18.74 1.44 0.50
C HIS A 804 -17.81 1.69 -0.66
N ILE A 805 -18.10 2.75 -1.40
CA ILE A 805 -17.34 3.23 -2.54
C ILE A 805 -17.04 4.72 -2.37
N ASP A 806 -16.13 5.24 -3.19
CA ASP A 806 -15.69 6.63 -3.28
C ASP A 806 -15.25 7.26 -1.92
N PHE A 807 -14.05 6.89 -1.49
CA PHE A 807 -13.46 7.34 -0.24
C PHE A 807 -12.60 8.60 -0.43
N GLY A 808 -13.25 9.68 -0.89
CA GLY A 808 -12.61 10.96 -1.15
C GLY A 808 -12.24 11.77 0.08
N HIS A 809 -12.83 11.40 1.23
CA HIS A 809 -12.61 12.09 2.49
C HIS A 809 -12.54 11.12 3.68
N PHE A 810 -11.47 11.20 4.49
CA PHE A 810 -11.29 10.38 5.69
C PHE A 810 -10.70 11.21 6.84
N LEU A 811 -10.66 10.62 8.04
CA LEU A 811 -10.19 11.21 9.30
C LEU A 811 -10.95 12.50 9.66
N GLY A 812 -12.24 12.50 9.37
CA GLY A 812 -13.15 13.61 9.63
C GLY A 812 -12.97 14.87 8.79
N ASN A 813 -12.04 14.85 7.80
CA ASN A 813 -11.79 16.00 6.92
C ASN A 813 -12.94 16.13 5.91
N PHE A 814 -13.69 17.25 5.98
CA PHE A 814 -14.86 17.57 5.16
C PHE A 814 -14.50 18.29 3.86
N ARG A 824 -14.70 15.78 12.98
CA ARG A 824 -15.09 14.81 14.00
C ARG A 824 -16.48 14.23 13.67
N VAL A 825 -16.50 13.21 12.78
CA VAL A 825 -17.75 12.58 12.30
C VAL A 825 -18.36 11.65 13.36
N PRO A 826 -19.72 11.61 13.48
CA PRO A 826 -20.33 10.70 14.44
C PRO A 826 -20.50 9.30 13.86
N PHE A 827 -20.97 8.35 14.68
CA PHE A 827 -21.30 7.00 14.22
C PHE A 827 -22.56 7.19 13.35
N ILE A 828 -22.75 6.37 12.30
CA ILE A 828 -23.93 6.55 11.44
C ILE A 828 -24.78 5.29 11.38
N LEU A 829 -26.09 5.47 11.63
CA LEU A 829 -27.14 4.46 11.55
C LEU A 829 -28.27 5.06 10.73
N THR A 830 -28.68 4.35 9.68
CA THR A 830 -29.70 4.78 8.73
C THR A 830 -30.94 3.94 8.93
N TYR A 831 -32.13 4.59 8.94
CA TYR A 831 -33.43 3.95 9.12
C TYR A 831 -33.68 2.79 8.17
N ASP A 832 -33.36 2.97 6.87
CA ASP A 832 -33.52 1.96 5.83
C ASP A 832 -32.75 0.67 6.16
N PHE A 833 -31.57 0.80 6.78
CA PHE A 833 -30.71 -0.29 7.19
C PHE A 833 -31.28 -0.99 8.43
N VAL A 834 -31.56 -0.22 9.50
CA VAL A 834 -32.18 -0.66 10.76
C VAL A 834 -33.46 -1.48 10.48
N HIS A 835 -34.26 -1.04 9.48
CA HIS A 835 -35.48 -1.70 9.00
C HIS A 835 -35.18 -3.10 8.45
N VAL A 836 -34.08 -3.25 7.68
CA VAL A 836 -33.65 -4.53 7.10
C VAL A 836 -33.08 -5.42 8.21
N ILE A 837 -32.28 -4.83 9.14
CA ILE A 837 -31.71 -5.53 10.30
C ILE A 837 -32.88 -6.10 11.13
N GLN A 838 -33.97 -5.31 11.28
CA GLN A 838 -35.16 -5.67 12.06
C GLN A 838 -36.19 -6.47 11.26
N GLN A 839 -35.77 -7.08 10.13
CA GLN A 839 -36.54 -7.97 9.24
C GLN A 839 -37.87 -7.38 8.69
N GLY A 840 -37.92 -6.06 8.52
CA GLY A 840 -39.12 -5.39 8.03
C GLY A 840 -40.16 -5.17 9.11
N LYS A 841 -39.70 -5.14 10.37
CA LYS A 841 -40.52 -4.94 11.56
C LYS A 841 -40.11 -3.63 12.24
N THR A 842 -41.09 -2.93 12.85
CA THR A 842 -40.88 -1.64 13.52
C THR A 842 -40.12 -1.84 14.83
N ASN A 843 -40.49 -2.88 15.59
CA ASN A 843 -39.88 -3.24 16.87
C ASN A 843 -39.35 -4.67 16.79
N ASN A 844 -38.04 -4.82 17.04
CA ASN A 844 -37.32 -6.09 17.03
C ASN A 844 -36.03 -5.89 17.83
N SER A 845 -36.13 -5.97 19.17
CA SER A 845 -34.98 -5.78 20.07
C SER A 845 -33.99 -6.95 19.95
N GLU A 846 -34.51 -8.16 19.64
CA GLU A 846 -33.75 -9.40 19.45
C GLU A 846 -32.66 -9.20 18.38
N LYS A 847 -33.07 -8.76 17.17
CA LYS A 847 -32.17 -8.52 16.05
C LYS A 847 -31.31 -7.27 16.20
N PHE A 848 -31.85 -6.21 16.81
CA PHE A 848 -31.10 -4.97 17.01
C PHE A 848 -30.02 -5.07 18.10
N GLU A 849 -30.29 -5.82 19.20
CA GLU A 849 -29.29 -5.98 20.27
C GLU A 849 -28.17 -6.90 19.82
N ARG A 850 -28.46 -7.86 18.90
CA ARG A 850 -27.42 -8.72 18.33
C ARG A 850 -26.51 -7.81 17.48
N PHE A 851 -27.11 -6.99 16.58
CA PHE A 851 -26.44 -6.00 15.73
C PHE A 851 -25.52 -5.06 16.52
N ARG A 852 -26.01 -4.55 17.65
CA ARG A 852 -25.28 -3.66 18.56
C ARG A 852 -24.05 -4.40 19.15
N GLY A 853 -24.18 -5.72 19.35
CA GLY A 853 -23.12 -6.58 19.86
C GLY A 853 -22.01 -6.78 18.84
N TYR A 854 -22.39 -6.96 17.57
CA TYR A 854 -21.46 -7.06 16.45
C TYR A 854 -20.63 -5.76 16.35
N CYS A 855 -21.27 -4.58 16.50
CA CYS A 855 -20.61 -3.25 16.50
C CYS A 855 -19.64 -3.12 17.65
N GLU A 856 -20.10 -3.53 18.85
CA GLU A 856 -19.33 -3.50 20.10
C GLU A 856 -18.08 -4.36 19.97
N ARG A 857 -18.26 -5.63 19.60
CA ARG A 857 -17.19 -6.61 19.45
C ARG A 857 -16.15 -6.19 18.40
N ALA A 858 -16.60 -5.88 17.15
CA ALA A 858 -15.73 -5.40 16.05
C ALA A 858 -14.84 -4.26 16.48
N TYR A 859 -15.41 -3.30 17.22
CA TYR A 859 -14.74 -2.11 17.76
C TYR A 859 -13.63 -2.44 18.79
N THR A 860 -13.95 -3.26 19.82
CA THR A 860 -13.00 -3.63 20.89
C THR A 860 -11.81 -4.44 20.33
N ILE A 861 -12.03 -5.27 19.28
CA ILE A 861 -10.99 -6.05 18.60
C ILE A 861 -9.97 -5.09 17.95
N LEU A 862 -10.46 -4.02 17.27
CA LEU A 862 -9.62 -3.01 16.59
C LEU A 862 -8.82 -2.22 17.59
N ARG A 863 -9.41 -1.97 18.76
CA ARG A 863 -8.83 -1.23 19.88
C ARG A 863 -7.57 -1.90 20.42
N ARG A 864 -7.55 -3.25 20.41
CA ARG A 864 -6.40 -4.03 20.87
C ARG A 864 -5.25 -3.93 19.86
N HIS A 865 -5.59 -3.78 18.57
CA HIS A 865 -4.61 -3.60 17.50
C HIS A 865 -4.53 -2.13 17.10
N GLY A 866 -4.94 -1.24 18.00
CA GLY A 866 -4.92 0.21 17.79
C GLY A 866 -3.57 0.81 17.46
N LEU A 867 -2.48 0.22 18.01
CA LEU A 867 -1.12 0.69 17.76
C LEU A 867 -0.64 0.31 16.36
N LEU A 868 -1.14 -0.82 15.83
CA LEU A 868 -0.86 -1.28 14.49
C LEU A 868 -1.38 -0.25 13.47
N PHE A 869 -2.63 0.21 13.65
CA PHE A 869 -3.24 1.24 12.82
C PHE A 869 -2.49 2.56 12.90
N LEU A 870 -2.04 2.93 14.12
CA LEU A 870 -1.32 4.18 14.35
C LEU A 870 0.06 4.20 13.73
N HIS A 871 0.78 3.07 13.78
CA HIS A 871 2.13 2.97 13.23
C HIS A 871 2.08 2.98 11.70
N LEU A 872 1.03 2.35 11.13
CA LEU A 872 0.85 2.28 9.69
C LEU A 872 0.47 3.65 9.09
N PHE A 873 -0.41 4.43 9.75
CA PHE A 873 -0.82 5.77 9.31
C PHE A 873 0.29 6.83 9.42
N ALA A 874 1.20 6.64 10.39
CA ALA A 874 2.37 7.48 10.63
C ALA A 874 3.40 7.23 9.54
N LEU A 875 3.53 5.98 9.04
CA LEU A 875 4.43 5.68 7.92
C LEU A 875 3.84 6.24 6.62
N MET A 876 2.48 6.33 6.55
CA MET A 876 1.71 6.84 5.42
C MET A 876 1.74 8.34 5.29
N ARG A 877 2.26 9.04 6.30
CA ARG A 877 2.43 10.48 6.31
C ARG A 877 3.44 10.88 5.22
N ALA A 878 4.34 9.97 4.86
CA ALA A 878 5.36 10.15 3.82
C ALA A 878 4.77 10.25 2.39
N ALA A 879 3.49 9.83 2.20
CA ALA A 879 2.79 9.80 0.91
C ALA A 879 2.43 11.17 0.29
N GLY A 880 2.11 12.13 1.14
CA GLY A 880 1.73 13.46 0.68
C GLY A 880 0.26 13.56 0.35
N LEU A 881 -0.57 12.83 1.10
CA LEU A 881 -2.01 12.85 0.97
C LEU A 881 -2.46 14.11 1.75
N PRO A 882 -3.09 15.11 1.10
CA PRO A 882 -3.48 16.34 1.82
C PRO A 882 -4.23 16.12 3.14
N GLU A 883 -4.92 14.96 3.29
CA GLU A 883 -5.69 14.59 4.48
C GLU A 883 -4.90 13.73 5.50
N LEU A 884 -3.62 13.41 5.21
CA LEU A 884 -2.74 12.67 6.12
C LEU A 884 -1.33 13.29 6.04
N SER A 885 -1.22 14.54 6.51
CA SER A 885 0.01 15.34 6.45
C SER A 885 0.65 15.65 7.80
N CYS A 886 -0.15 15.79 8.87
CA CYS A 886 0.31 16.15 10.21
C CYS A 886 -0.19 15.21 11.32
N SER A 887 0.16 15.55 12.60
CA SER A 887 -0.22 14.83 13.82
C SER A 887 -1.70 14.97 14.14
N LYS A 888 -2.34 16.10 13.73
CA LYS A 888 -3.77 16.33 13.94
C LYS A 888 -4.64 15.34 13.15
N ASP A 889 -4.05 14.77 12.07
CA ASP A 889 -4.70 13.74 11.26
C ASP A 889 -4.64 12.41 12.02
N ILE A 890 -3.45 12.08 12.56
CA ILE A 890 -3.16 10.89 13.39
C ILE A 890 -4.01 10.89 14.67
N GLN A 891 -4.20 12.10 15.27
CA GLN A 891 -4.98 12.32 16.50
C GLN A 891 -6.42 11.82 16.36
N TYR A 892 -7.03 12.02 15.17
CA TYR A 892 -8.38 11.56 14.87
C TYR A 892 -8.54 10.05 15.17
N LEU A 893 -7.54 9.23 14.76
CA LEU A 893 -7.51 7.79 14.97
C LEU A 893 -7.41 7.45 16.46
N LYS A 894 -6.59 8.22 17.21
CA LYS A 894 -6.39 8.06 18.65
C LYS A 894 -7.69 8.28 19.43
N ASP A 895 -8.48 9.29 19.03
CA ASP A 895 -9.77 9.62 19.65
C ASP A 895 -10.85 8.58 19.28
N SER A 896 -10.96 8.22 17.99
CA SER A 896 -11.93 7.23 17.50
C SER A 896 -11.65 5.84 18.06
N LEU A 897 -10.37 5.56 18.39
CA LEU A 897 -9.99 4.29 18.99
C LEU A 897 -9.91 4.35 20.54
N ALA A 898 -9.90 5.58 21.14
CA ALA A 898 -9.79 5.81 22.59
C ALA A 898 -8.65 4.95 23.18
N LEU A 899 -7.42 5.18 22.70
CA LEU A 899 -6.25 4.42 23.12
C LEU A 899 -5.70 4.87 24.49
N GLY A 900 -5.88 6.15 24.82
CA GLY A 900 -5.49 6.71 26.12
C GLY A 900 -6.53 6.47 27.20
N LYS A 901 -7.33 5.39 27.05
CA LYS A 901 -8.41 4.94 27.96
C LYS A 901 -8.33 3.42 28.16
N THR A 902 -9.07 2.90 29.16
CA THR A 902 -9.16 1.46 29.45
C THR A 902 -10.30 0.88 28.62
N GLU A 903 -10.31 -0.46 28.39
CA GLU A 903 -11.32 -1.16 27.59
C GLU A 903 -12.76 -0.95 28.07
N GLU A 904 -12.96 -0.87 29.41
CA GLU A 904 -14.25 -0.64 30.04
C GLU A 904 -14.73 0.82 29.79
N GLU A 905 -13.81 1.80 29.90
CA GLU A 905 -14.09 3.22 29.70
C GLU A 905 -14.25 3.61 28.21
N ALA A 906 -13.62 2.84 27.30
CA ALA A 906 -13.67 3.06 25.85
C ALA A 906 -14.99 2.55 25.25
N LEU A 907 -15.46 1.38 25.74
CA LEU A 907 -16.72 0.76 25.30
C LEU A 907 -17.94 1.61 25.75
N LYS A 908 -17.80 2.35 26.86
CA LYS A 908 -18.84 3.26 27.37
C LYS A 908 -18.97 4.45 26.41
N HIS A 909 -17.83 5.06 26.04
CA HIS A 909 -17.70 6.18 25.11
C HIS A 909 -18.26 5.83 23.72
N PHE A 910 -18.14 4.53 23.32
CA PHE A 910 -18.67 4.00 22.07
C PHE A 910 -20.20 3.96 22.11
N ARG A 911 -20.78 3.50 23.26
CA ARG A 911 -22.24 3.42 23.46
C ARG A 911 -22.88 4.83 23.42
N VAL A 912 -22.15 5.84 23.96
CA VAL A 912 -22.51 7.26 23.96
C VAL A 912 -22.68 7.73 22.49
N LYS A 913 -21.73 7.33 21.62
CA LYS A 913 -21.72 7.67 20.20
C LYS A 913 -22.70 6.83 19.38
N PHE A 914 -22.93 5.56 19.78
CA PHE A 914 -23.85 4.63 19.11
C PHE A 914 -25.29 5.07 19.32
N ASN A 915 -25.68 5.37 20.59
CA ASN A 915 -27.04 5.80 20.94
C ASN A 915 -27.40 7.16 20.32
N GLU A 916 -26.39 8.03 20.12
CA GLU A 916 -26.53 9.34 19.47
C GLU A 916 -26.92 9.15 17.99
N ALA A 917 -26.31 8.13 17.32
CA ALA A 917 -26.58 7.76 15.92
C ALA A 917 -27.97 7.15 15.75
N LEU A 918 -28.43 6.39 16.77
CA LEU A 918 -29.75 5.75 16.79
C LEU A 918 -30.86 6.81 17.02
N ARG A 919 -30.55 7.89 17.78
CA ARG A 919 -31.47 9.01 18.04
C ARG A 919 -31.63 9.87 16.79
N GLU A 920 -30.52 10.06 16.03
CA GLU A 920 -30.48 10.82 14.79
C GLU A 920 -31.20 10.06 13.65
N SER A 921 -31.37 8.72 13.79
CA SER A 921 -32.08 7.83 12.85
C SER A 921 -33.60 8.12 12.95
N TRP A 922 -34.04 9.15 12.19
CA TRP A 922 -35.41 9.69 12.12
C TRP A 922 -35.97 10.07 13.49
C1 74J B . -22.34 1.67 -15.80
C2 74J B . -21.81 0.63 -15.08
C3 74J B . -23.23 2.53 -15.19
C7 74J B . -19.37 -2.47 -8.93
C8 74J B . -17.75 2.10 -8.24
C9 74J B . -16.79 2.98 -7.79
C10 74J B . -23.07 1.31 -13.10
C11 74J B . -19.87 -1.22 -9.17
C12 74J B . -18.08 -0.32 -8.13
C13 74J B . -17.57 -1.59 -7.89
C14 74J B . -21.11 -1.03 -9.90
C15 74J B . -22.62 -0.03 -10.99
C16 74J B . -16.74 4.39 -8.05
C19 74J B . -23.45 1.08 -11.68
C20 74J B . -23.85 -2.16 -11.67
N23 74J B . -19.23 -0.11 -8.79
N25 74J B . -21.88 -2.05 -10.30
N26 74J B . -17.42 0.86 -7.75
N29 74J B . -15.89 5.03 -7.19
C4 74J B . -22.16 0.47 -13.75
C5 74J B . -23.58 2.34 -13.86
C6 74J B . -15.90 2.17 -7.03
C17 74J B . -23.91 2.24 -10.84
C18 74J B . -24.89 1.20 -11.27
N21 74J B . -18.23 -2.67 -8.29
N22 74J B . -16.30 0.90 -7.00
N24 74J B . -21.52 0.21 -10.30
N27 74J B . -22.83 -1.39 -10.98
N28 74J B . -16.36 -1.79 -7.22
O30 74J B . -17.41 4.91 -8.94
#